data_8F30
#
_entry.id   8F30
#
_cell.length_a   119.207
_cell.length_b   179.758
_cell.length_c   234.695
_cell.angle_alpha   90.00
_cell.angle_beta   90.00
_cell.angle_gamma   90.00
#
_symmetry.space_group_name_H-M   'I 2 2 2'
#
loop_
_entity.id
_entity.type
_entity.pdbx_description
1 polymer 'Lysine-specific histone demethylase 1A'
2 polymer 'REST corepressor 1'
3 non-polymer "[(2R,3S,4R,5R)-5-(6-amino-9H-purin-9-yl)-3,4-dihydroxyoxolan-2-yl]methyl (2R,3S,4S)-5-{5-[3-([1,1'-biphenyl]-4-yl)propanoyl]-7,8-dimethyl-2,4-dioxo-1,3,4,5-tetrahydrobenzo[g]pteridin-10(2H)-yl}-2,3,4-trihydroxypentyl dihydrogen diphosphate (non-preferred name)"
#
loop_
_entity_poly.entity_id
_entity_poly.type
_entity_poly.pdbx_seq_one_letter_code
_entity_poly.pdbx_strand_id
1 'polypeptide(L)'
;GSSHHHHHHSSGLVPRGSHMLSGKKAAAAAAAAAAAATGTEAGPGTAGGSENGSEVAAQPAGLSGPAEVGPGAVGERTPR
KKEPPRASPPGGLAEPPGSAGPQAGPTVVPGSATPMETGIAETPEGRRTSRRKRAKVEYREMDESLANLSEDEYYSEEER
NAKAEKEKKLPPPPPQAPPEEENESEPEEPSGVEGAAFQSRLPHDRMTSQEAACFPDIISGPQQTQKVFLFIRNRTLQLW
LDNPKIQLTFEATLQQLEAPYNSDTVLVHRVHSYLERHGLINFGIYKRIKPLPTKKTGKVIIIGSGVSGLAAARQLQSFG
MDVTLLEARDRVGGRVATFRKGNYVADLGAMVVTGLGGNPMAVVSKQVNMELAKIKQKCPLYEANGQAVPKEKDEMVEQE
FNRLLEATSYLSHQLDFNVLNNKPVSLGQALEVVIQLQEKHVKDEQIEHWKKIVKTQEELKELLNKMVNLKEKIKELHQQ
YKEASEVKPPRDITAEFLVKSKHRDLTALCKEYDELAETQGKLEEKLQELEANPPSDVYLSSRDRQILDWHFANLEFANA
TPLSTLSLKHWDQDDDFEFTGSHLTVRNGYSCVPVALAEGLDIKLNTAVRQVRYTASGCEVIAVNTRSTSQTFIYKCDAV
LCTLPLGVLKQQPPAVQFVPPLPEWKTSAVQRMGFGNLNKVVLCFDRVFWDPSVNLFGHVGSTTASRGELFLFWNLYKAP
ILLALVAGEAAGIMENISDDVIVGRCLAILKGIFGSSAVPQPKETVVSRWRADPWARGSYSYVAAGSSGNDYDLMAQPIT
PGPSIPGAPQPIPRLFFAGEHTIRNYPATVHGALLSGLREAGRIADQFLGAMYTLPRQATPGVPAQQSPSM
;
A
2 'polypeptide(L)'
;GPLGSPEFRAKRKPPKGMFLSQEDVEAVSANATAATTVLRQLDMELVSVKRQIQNIKQTNSALKEKLDGGIEPYRLPEVI
QKCNARWTTEEQLLAVQAIRKYGRDFQAISDVIGNKSVVQVKNFFVNYRRRFNIDEVLQEWEAE
;
B
#
loop_
_chem_comp.id
_chem_comp.type
_chem_comp.name
_chem_comp.formula
XB6 non-polymer '[(2R,3S,4R,5R)-5-(6-amino-9H-purin-9-yl)-3,4-dihydroxyoxolan-2-yl]methyl (2R,3S,4S)-5-{5-[3-([1,1'-biphenyl]-4-yl)propanoyl]-7,8-dimethyl-2,4-dioxo-1,3,4,5-tetrahydrobenzo[g]pteridin-10(2H)-yl}-2,3,4-trihydroxypentyl dihydrogen diphosphate (non-preferred name)' 'C42 H47 N9 O16 P2'
#
# COMPACT_ATOMS: atom_id res chain seq x y z
N GLY A 192 -20.95 23.59 -14.85
CA GLY A 192 -22.24 23.94 -15.45
C GLY A 192 -23.48 23.42 -14.71
N VAL A 193 -24.52 23.03 -15.45
CA VAL A 193 -25.56 22.19 -14.84
C VAL A 193 -24.92 20.88 -14.47
N GLU A 194 -23.94 20.48 -15.25
CA GLU A 194 -23.26 19.22 -15.10
C GLU A 194 -22.35 19.18 -13.86
N GLY A 195 -21.89 20.35 -13.39
CA GLY A 195 -21.21 20.38 -12.10
C GLY A 195 -22.13 19.96 -10.98
N ALA A 196 -23.42 20.30 -11.09
CA ALA A 196 -24.40 19.91 -10.07
C ALA A 196 -24.53 18.39 -9.98
N ALA A 197 -24.61 17.70 -11.12
CA ALA A 197 -24.72 16.24 -11.09
C ALA A 197 -23.50 15.61 -10.42
N PHE A 198 -22.33 16.17 -10.68
CA PHE A 198 -21.13 15.64 -10.05
C PHE A 198 -21.15 15.93 -8.54
N GLN A 199 -21.57 17.13 -8.17
CA GLN A 199 -21.61 17.52 -6.77
C GLN A 199 -22.70 16.78 -6.01
N SER A 200 -23.67 16.22 -6.72
CA SER A 200 -24.69 15.37 -6.13
C SER A 200 -24.37 13.89 -6.31
N ARG A 201 -23.12 13.55 -6.63
CA ARG A 201 -22.65 12.17 -6.74
C ARG A 201 -23.40 11.39 -7.81
N LEU A 202 -23.76 12.05 -8.92
CA LEU A 202 -24.60 11.44 -9.95
C LEU A 202 -23.98 11.58 -11.33
N PRO A 203 -23.94 10.52 -12.14
CA PRO A 203 -23.44 10.63 -13.51
C PRO A 203 -24.38 11.54 -14.32
N HIS A 204 -23.85 12.67 -14.78
CA HIS A 204 -24.64 13.69 -15.45
C HIS A 204 -25.30 13.22 -16.74
N ASP A 205 -24.82 12.14 -17.36
CA ASP A 205 -25.20 11.78 -18.71
C ASP A 205 -25.88 10.44 -18.85
N ARG A 206 -26.12 9.72 -17.75
CA ARG A 206 -26.98 8.55 -17.77
C ARG A 206 -27.85 8.57 -16.51
N MET A 207 -28.88 7.73 -16.52
CA MET A 207 -29.77 7.62 -15.37
C MET A 207 -29.28 6.51 -14.44
N THR A 208 -29.38 6.75 -13.12
CA THR A 208 -28.91 5.81 -12.11
C THR A 208 -29.89 4.67 -11.95
N SER A 209 -29.48 3.62 -11.22
CA SER A 209 -30.41 2.54 -10.90
C SER A 209 -31.59 3.07 -10.08
N GLN A 210 -31.34 4.04 -9.20
CA GLN A 210 -32.40 4.71 -8.45
C GLN A 210 -33.49 5.22 -9.37
N GLU A 211 -33.10 6.01 -10.37
CA GLU A 211 -34.04 6.70 -11.23
C GLU A 211 -34.73 5.73 -12.17
N ALA A 212 -34.03 4.69 -12.61
CA ALA A 212 -34.72 3.65 -13.37
C ALA A 212 -35.93 3.14 -12.60
N ALA A 213 -35.82 3.03 -11.28
CA ALA A 213 -36.94 2.56 -10.47
C ALA A 213 -38.09 3.54 -10.49
N CYS A 214 -37.86 4.80 -10.11
CA CYS A 214 -38.95 5.76 -10.11
C CYS A 214 -39.43 6.17 -11.50
N PHE A 215 -38.60 6.05 -12.54
CA PHE A 215 -38.97 6.52 -13.87
C PHE A 215 -38.74 5.42 -14.90
N PRO A 216 -39.32 4.23 -14.69
CA PRO A 216 -39.08 3.13 -15.63
C PRO A 216 -39.59 3.44 -17.00
N ASP A 217 -40.59 4.32 -17.15
CA ASP A 217 -41.02 4.73 -18.47
C ASP A 217 -39.88 5.43 -19.21
N ILE A 218 -39.24 6.41 -18.58
CA ILE A 218 -38.25 7.23 -19.27
C ILE A 218 -37.03 6.42 -19.69
N ILE A 219 -36.56 5.51 -18.84
CA ILE A 219 -35.36 4.74 -19.15
C ILE A 219 -35.61 3.70 -20.23
N SER A 220 -36.79 3.10 -20.29
CA SER A 220 -37.11 2.18 -21.38
C SER A 220 -37.59 2.92 -22.60
N GLY A 221 -37.66 4.25 -22.49
CA GLY A 221 -38.22 5.11 -23.50
C GLY A 221 -37.16 5.65 -24.43
N PRO A 222 -37.60 6.42 -25.43
CA PRO A 222 -36.67 6.92 -26.45
C PRO A 222 -35.58 7.79 -25.86
N GLN A 223 -34.37 7.68 -26.44
CA GLN A 223 -33.20 8.31 -25.86
C GLN A 223 -33.34 9.84 -25.78
N GLN A 224 -34.26 10.42 -26.54
CA GLN A 224 -34.50 11.85 -26.43
C GLN A 224 -35.18 12.20 -25.12
N THR A 225 -36.27 11.51 -24.78
CA THR A 225 -36.97 11.82 -23.54
C THR A 225 -36.03 11.63 -22.35
N GLN A 226 -35.07 10.69 -22.45
CA GLN A 226 -34.02 10.54 -21.44
C GLN A 226 -33.25 11.85 -21.26
N LYS A 227 -32.61 12.32 -22.34
CA LYS A 227 -31.77 13.52 -22.25
C LYS A 227 -32.52 14.68 -21.58
N VAL A 228 -33.80 14.84 -21.95
CA VAL A 228 -34.65 15.84 -21.32
C VAL A 228 -34.60 15.68 -19.80
N PHE A 229 -35.01 14.49 -19.34
CA PHE A 229 -35.04 14.16 -17.91
C PHE A 229 -33.74 14.52 -17.22
N LEU A 230 -32.61 14.02 -17.76
CA LEU A 230 -31.33 14.20 -17.08
C LEU A 230 -31.00 15.67 -16.98
N PHE A 231 -31.36 16.45 -18.01
CA PHE A 231 -31.19 17.90 -17.90
C PHE A 231 -32.10 18.46 -16.81
N ILE A 232 -33.35 18.03 -16.81
CA ILE A 232 -34.29 18.54 -15.81
C ILE A 232 -33.77 18.23 -14.42
N ARG A 233 -33.24 17.01 -14.25
CA ARG A 233 -32.60 16.64 -12.99
C ARG A 233 -31.45 17.59 -12.66
N ASN A 234 -30.44 17.62 -13.54
CA ASN A 234 -29.22 18.37 -13.27
C ASN A 234 -29.52 19.82 -12.98
N ARG A 235 -30.43 20.41 -13.75
CA ARG A 235 -30.75 21.81 -13.56
C ARG A 235 -31.44 22.04 -12.21
N THR A 236 -32.33 21.14 -11.81
CA THR A 236 -32.95 21.28 -10.49
C THR A 236 -31.93 21.09 -9.39
N LEU A 237 -31.09 20.05 -9.52
CA LEU A 237 -29.97 19.88 -8.60
C LEU A 237 -29.17 21.15 -8.50
N GLN A 238 -28.90 21.77 -9.66
CA GLN A 238 -28.18 23.04 -9.71
C GLN A 238 -28.89 24.08 -8.86
N LEU A 239 -30.15 24.38 -9.21
CA LEU A 239 -30.87 25.45 -8.54
C LEU A 239 -30.81 25.32 -7.02
N TRP A 240 -31.09 24.12 -6.50
CA TRP A 240 -30.94 23.89 -5.07
C TRP A 240 -29.52 24.21 -4.62
N LEU A 241 -28.55 23.73 -5.39
CA LEU A 241 -27.16 23.80 -4.96
C LEU A 241 -26.68 25.24 -4.86
N ASP A 242 -27.07 26.08 -5.84
CA ASP A 242 -26.57 27.46 -5.89
C ASP A 242 -26.94 28.22 -4.63
N ASN A 243 -28.17 28.08 -4.17
CA ASN A 243 -28.54 28.59 -2.86
C ASN A 243 -29.23 27.49 -2.09
N PRO A 244 -28.59 26.91 -1.08
CA PRO A 244 -29.23 25.83 -0.33
C PRO A 244 -29.66 26.31 1.04
N LYS A 245 -29.86 27.61 1.20
CA LYS A 245 -30.36 28.11 2.47
C LYS A 245 -31.88 28.33 2.45
N ILE A 246 -32.51 28.17 1.28
CA ILE A 246 -33.94 28.35 1.09
C ILE A 246 -34.52 27.12 0.39
N GLN A 247 -35.71 26.71 0.82
CA GLN A 247 -36.39 25.62 0.17
C GLN A 247 -36.53 25.87 -1.32
N LEU A 248 -36.32 24.83 -2.12
CA LEU A 248 -36.53 24.91 -3.56
C LEU A 248 -37.87 24.26 -3.87
N THR A 249 -38.91 25.08 -3.88
CA THR A 249 -40.26 24.63 -4.22
C THR A 249 -40.38 24.34 -5.71
N PHE A 250 -41.32 23.43 -6.01
CA PHE A 250 -41.54 23.00 -7.40
C PHE A 250 -41.88 24.18 -8.31
N GLU A 251 -42.80 25.03 -7.87
CA GLU A 251 -43.14 26.23 -8.62
C GLU A 251 -41.88 27.05 -8.90
N ALA A 252 -41.09 27.33 -7.86
CA ALA A 252 -39.82 28.02 -8.04
C ALA A 252 -38.96 27.37 -9.12
N THR A 253 -38.87 26.04 -9.11
CA THR A 253 -38.07 25.33 -10.10
C THR A 253 -38.60 25.60 -11.50
N LEU A 254 -39.91 25.47 -11.67
CA LEU A 254 -40.45 25.48 -13.03
C LEU A 254 -40.26 26.84 -13.67
N GLN A 255 -40.42 27.91 -12.87
CA GLN A 255 -40.21 29.27 -13.36
C GLN A 255 -38.84 29.43 -14.00
N GLN A 256 -37.80 28.92 -13.34
CA GLN A 256 -36.43 29.20 -13.78
C GLN A 256 -35.99 28.25 -14.88
N LEU A 257 -36.69 27.15 -15.03
CA LEU A 257 -36.49 26.26 -16.17
C LEU A 257 -37.16 26.87 -17.39
N GLU A 258 -36.50 26.81 -18.56
CA GLU A 258 -37.13 27.30 -19.78
C GLU A 258 -37.24 26.21 -20.84
N ALA A 259 -38.20 26.43 -21.76
CA ALA A 259 -38.54 25.50 -22.82
C ALA A 259 -37.30 25.13 -23.63
N PRO A 260 -37.33 24.00 -24.34
CA PRO A 260 -38.40 23.02 -24.55
C PRO A 260 -38.72 22.18 -23.31
N TYR A 261 -37.94 22.36 -22.25
CA TYR A 261 -37.95 21.45 -21.12
C TYR A 261 -39.05 21.76 -20.12
N ASN A 262 -39.46 23.02 -19.97
CA ASN A 262 -40.58 23.33 -19.10
C ASN A 262 -41.93 23.15 -19.80
N SER A 263 -41.97 22.37 -20.88
CA SER A 263 -43.24 22.04 -21.54
C SER A 263 -43.99 20.94 -20.79
N ASP A 264 -43.29 19.91 -20.33
CA ASP A 264 -43.92 18.80 -19.60
C ASP A 264 -43.92 19.14 -18.12
N THR A 265 -45.03 19.63 -17.63
CA THR A 265 -45.07 20.01 -16.21
C THR A 265 -45.12 18.76 -15.34
N VAL A 266 -45.64 17.66 -15.85
CA VAL A 266 -45.69 16.50 -14.91
C VAL A 266 -44.29 15.93 -14.75
N LEU A 267 -43.45 16.00 -15.78
CA LEU A 267 -42.11 15.43 -15.60
C LEU A 267 -41.41 16.25 -14.54
N VAL A 268 -41.37 17.55 -14.75
CA VAL A 268 -40.73 18.47 -13.79
C VAL A 268 -41.32 18.18 -12.43
N HIS A 269 -42.62 17.96 -12.35
CA HIS A 269 -43.13 17.70 -11.01
C HIS A 269 -42.65 16.35 -10.48
N ARG A 270 -42.56 15.33 -11.35
CA ARG A 270 -42.04 14.04 -10.92
C ARG A 270 -40.58 14.13 -10.50
N VAL A 271 -39.76 14.79 -11.32
CA VAL A 271 -38.34 14.93 -11.03
C VAL A 271 -38.14 15.64 -9.70
N HIS A 272 -38.83 16.76 -9.50
CA HIS A 272 -38.67 17.51 -8.25
C HIS A 272 -39.04 16.64 -7.07
N SER A 273 -40.15 15.92 -7.17
CA SER A 273 -40.64 15.15 -6.04
C SER A 273 -39.68 14.02 -5.71
N TYR A 274 -39.09 13.40 -6.73
CA TYR A 274 -38.06 12.39 -6.52
C TYR A 274 -36.84 12.97 -5.82
N LEU A 275 -36.34 14.08 -6.33
CA LEU A 275 -35.18 14.69 -5.70
C LEU A 275 -35.47 15.11 -4.27
N GLU A 276 -36.67 15.62 -4.03
CA GLU A 276 -36.95 16.13 -2.70
C GLU A 276 -37.07 14.99 -1.70
N ARG A 277 -37.59 13.86 -2.17
CA ARG A 277 -37.79 12.69 -1.34
C ARG A 277 -36.45 12.17 -0.84
N HIS A 278 -35.53 11.93 -1.77
CA HIS A 278 -34.26 11.32 -1.42
C HIS A 278 -33.20 12.34 -1.06
N GLY A 279 -33.59 13.44 -0.43
CA GLY A 279 -32.67 14.43 0.08
C GLY A 279 -31.57 14.86 -0.87
N LEU A 280 -31.83 14.87 -2.18
CA LEU A 280 -30.84 15.43 -3.09
C LEU A 280 -31.00 16.94 -3.19
N ILE A 281 -32.15 17.44 -2.74
CA ILE A 281 -32.46 18.86 -2.68
C ILE A 281 -33.35 19.02 -1.47
N ASN A 282 -33.38 20.23 -0.90
CA ASN A 282 -34.13 20.51 0.33
C ASN A 282 -33.86 19.44 1.37
N PHE A 283 -32.60 19.43 1.77
CA PHE A 283 -32.11 18.59 2.89
C PHE A 283 -31.20 19.47 3.72
N GLY A 284 -31.00 19.12 4.97
CA GLY A 284 -30.09 19.95 5.75
C GLY A 284 -30.86 21.01 6.48
N ILE A 285 -30.36 22.24 6.49
CA ILE A 285 -31.06 23.28 7.29
C ILE A 285 -31.53 24.39 6.38
N TYR A 286 -32.64 24.19 5.67
CA TYR A 286 -33.14 25.25 4.78
C TYR A 286 -34.18 26.08 5.51
N LYS A 287 -34.79 27.00 4.79
CA LYS A 287 -35.85 27.87 5.33
C LYS A 287 -37.14 27.47 4.65
N ARG A 288 -38.06 26.89 5.41
CA ARG A 288 -39.32 26.45 4.83
C ARG A 288 -40.06 27.64 4.23
N ILE A 289 -40.12 27.69 2.89
CA ILE A 289 -41.00 28.64 2.22
C ILE A 289 -42.44 28.42 2.68
N LYS A 290 -42.96 27.24 2.41
CA LYS A 290 -44.26 26.82 2.89
C LYS A 290 -44.09 26.35 4.34
N PRO A 291 -44.58 27.11 5.33
CA PRO A 291 -44.51 26.62 6.71
C PRO A 291 -45.15 25.23 6.80
N LEU A 292 -44.70 24.47 7.78
CA LEU A 292 -44.80 23.02 7.73
C LEU A 292 -46.16 22.56 8.27
N PRO A 293 -47.02 21.96 7.43
CA PRO A 293 -48.36 21.59 7.88
C PRO A 293 -48.38 20.69 9.10
N THR A 294 -49.26 21.04 10.04
CA THR A 294 -49.38 20.31 11.33
C THR A 294 -50.29 19.12 11.17
N LYS A 295 -50.60 18.76 9.93
CA LYS A 295 -51.42 17.55 9.70
C LYS A 295 -50.40 16.41 9.63
N LYS A 296 -49.95 15.92 10.78
CA LYS A 296 -48.86 14.93 10.78
C LYS A 296 -49.38 13.54 10.47
N THR A 297 -48.77 12.87 9.52
CA THR A 297 -49.25 11.52 9.19
C THR A 297 -48.15 10.53 9.53
N GLY A 298 -48.44 9.55 10.37
CA GLY A 298 -47.48 8.49 10.72
C GLY A 298 -46.63 8.83 11.93
N LYS A 299 -46.17 7.83 12.67
CA LYS A 299 -45.29 8.13 13.81
C LYS A 299 -44.07 7.23 13.73
N VAL A 300 -42.87 7.82 13.76
CA VAL A 300 -41.60 7.05 13.62
C VAL A 300 -40.72 7.29 14.82
N ILE A 301 -40.14 6.24 15.36
CA ILE A 301 -39.22 6.39 16.51
C ILE A 301 -37.83 6.16 15.98
N ILE A 302 -36.92 7.09 16.25
CA ILE A 302 -35.53 7.03 15.76
C ILE A 302 -34.62 6.78 16.95
N ILE A 303 -33.83 5.70 16.89
CA ILE A 303 -32.93 5.35 17.98
C ILE A 303 -31.59 6.01 17.69
N GLY A 304 -31.21 6.95 18.55
CA GLY A 304 -29.94 7.63 18.48
C GLY A 304 -30.05 8.95 17.76
N SER A 305 -29.52 9.96 18.42
CA SER A 305 -29.47 11.33 17.92
C SER A 305 -28.12 11.51 17.28
N GLY A 306 -27.73 10.59 16.42
CA GLY A 306 -26.46 10.76 15.71
C GLY A 306 -26.69 11.52 14.43
N VAL A 307 -25.64 11.70 13.65
CA VAL A 307 -25.88 12.46 12.40
C VAL A 307 -26.80 11.69 11.47
N SER A 308 -26.73 10.38 11.41
CA SER A 308 -27.69 9.70 10.53
C SER A 308 -29.06 9.96 11.10
N GLY A 309 -29.22 9.71 12.39
CA GLY A 309 -30.52 9.93 13.03
C GLY A 309 -30.98 11.35 12.85
N LEU A 310 -30.14 12.31 13.16
CA LEU A 310 -30.52 13.72 13.01
C LEU A 310 -30.99 13.97 11.58
N ALA A 311 -30.26 13.48 10.61
CA ALA A 311 -30.66 13.76 9.23
C ALA A 311 -31.99 13.10 8.92
N ALA A 312 -32.20 11.88 9.33
CA ALA A 312 -33.50 11.27 8.99
C ALA A 312 -34.63 12.03 9.67
N ALA A 313 -34.43 12.39 10.92
CA ALA A 313 -35.51 13.05 11.67
C ALA A 313 -35.90 14.33 10.97
N ARG A 314 -34.95 15.15 10.53
CA ARG A 314 -35.36 16.41 9.86
C ARG A 314 -36.10 16.08 8.58
N GLN A 315 -35.65 15.09 7.85
CA GLN A 315 -36.35 14.78 6.59
C GLN A 315 -37.74 14.27 6.90
N LEU A 316 -37.85 13.30 7.80
CA LEU A 316 -39.19 12.77 8.05
C LEU A 316 -40.13 13.87 8.52
N GLN A 317 -39.73 14.61 9.55
CA GLN A 317 -40.45 15.82 9.92
C GLN A 317 -40.63 16.76 8.73
N SER A 318 -39.59 16.94 7.92
CA SER A 318 -39.72 17.74 6.70
C SER A 318 -40.87 17.25 5.83
N PHE A 319 -41.19 15.96 5.91
CA PHE A 319 -42.20 15.33 5.09
C PHE A 319 -43.56 15.26 5.77
N GLY A 320 -43.70 15.91 6.92
CA GLY A 320 -44.91 15.85 7.72
C GLY A 320 -45.15 14.50 8.34
N MET A 321 -44.21 14.02 9.15
CA MET A 321 -44.43 12.83 9.94
C MET A 321 -44.10 13.18 11.38
N ASP A 322 -44.57 12.35 12.29
CA ASP A 322 -44.29 12.55 13.70
C ASP A 322 -43.03 11.76 14.02
N VAL A 323 -41.95 12.48 14.34
CA VAL A 323 -40.69 11.82 14.66
C VAL A 323 -40.28 12.20 16.07
N THR A 324 -39.87 11.18 16.80
CA THR A 324 -39.17 11.34 18.06
C THR A 324 -37.88 10.54 18.01
N LEU A 325 -36.81 11.16 18.53
CA LEU A 325 -35.48 10.53 18.59
C LEU A 325 -35.23 10.13 20.03
N LEU A 326 -34.80 8.90 20.24
CA LEU A 326 -34.46 8.40 21.58
C LEU A 326 -32.96 8.50 21.70
N GLU A 327 -32.46 8.67 22.91
CA GLU A 327 -31.04 9.05 22.99
C GLU A 327 -30.40 8.67 24.31
N ALA A 328 -29.41 7.80 24.32
CA ALA A 328 -28.82 7.39 25.60
C ALA A 328 -27.98 8.48 26.23
N ARG A 329 -27.28 9.26 25.43
CA ARG A 329 -26.35 10.29 25.97
C ARG A 329 -27.09 11.53 26.42
N ASP A 330 -26.38 12.48 27.02
CA ASP A 330 -27.04 13.73 27.43
C ASP A 330 -26.64 14.81 26.44
N ARG A 331 -26.42 14.43 25.19
CA ARG A 331 -26.04 15.36 24.11
C ARG A 331 -26.20 14.63 22.79
N VAL A 332 -26.43 15.38 21.72
CA VAL A 332 -26.63 14.87 20.35
C VAL A 332 -25.27 14.71 19.66
N GLY A 333 -25.23 14.11 18.48
CA GLY A 333 -23.95 14.00 17.76
C GLY A 333 -23.38 12.61 17.85
N GLY A 334 -23.53 11.96 18.97
CA GLY A 334 -22.98 10.61 19.03
C GLY A 334 -21.47 10.66 18.92
N ARG A 335 -20.92 10.19 17.81
CA ARG A 335 -19.45 10.16 17.61
C ARG A 335 -18.93 11.49 17.10
N VAL A 336 -19.77 12.49 16.94
CA VAL A 336 -19.29 13.85 16.59
C VAL A 336 -19.30 14.60 17.89
N ALA A 337 -18.36 14.27 18.78
CA ALA A 337 -18.22 14.94 20.07
C ALA A 337 -17.34 16.17 19.88
N THR A 338 -17.43 17.13 20.77
CA THR A 338 -16.58 18.33 20.62
C THR A 338 -16.31 18.87 22.01
N PHE A 339 -15.05 18.92 22.41
CA PHE A 339 -14.70 19.37 23.77
C PHE A 339 -14.71 20.88 23.82
N ARG A 340 -15.26 21.45 24.89
CA ARG A 340 -15.29 22.92 25.04
C ARG A 340 -15.16 23.31 26.52
N LYS A 341 -14.05 23.92 26.88
CA LYS A 341 -13.81 24.53 28.19
C LYS A 341 -13.12 25.86 27.89
N GLY A 342 -13.63 26.94 28.46
CA GLY A 342 -13.22 28.27 28.08
C GLY A 342 -13.04 28.49 26.58
N ASN A 343 -11.88 29.04 26.21
CA ASN A 343 -11.54 29.31 24.82
C ASN A 343 -11.11 28.04 24.08
N TYR A 344 -10.95 26.93 24.80
CA TYR A 344 -10.45 25.70 24.21
C TYR A 344 -11.58 24.96 23.50
N VAL A 345 -11.31 24.49 22.29
CA VAL A 345 -12.25 23.73 21.46
C VAL A 345 -11.48 22.65 20.71
N ALA A 346 -11.95 21.40 20.78
CA ALA A 346 -11.27 20.32 20.09
C ALA A 346 -12.16 19.08 19.96
N ASP A 347 -12.43 18.61 18.76
CA ASP A 347 -13.35 17.45 18.69
C ASP A 347 -12.61 16.17 19.05
N LEU A 348 -13.27 15.27 19.75
CA LEU A 348 -12.69 13.94 20.04
C LEU A 348 -13.31 12.93 19.10
N GLY A 349 -14.11 13.38 18.14
CA GLY A 349 -14.76 12.46 17.21
C GLY A 349 -14.27 12.75 15.82
N ALA A 350 -15.14 13.13 14.91
CA ALA A 350 -14.60 13.42 13.58
C ALA A 350 -14.07 14.85 13.62
N MET A 351 -13.03 15.12 12.86
CA MET A 351 -12.53 16.52 12.79
C MET A 351 -12.24 16.86 11.34
N VAL A 352 -12.42 15.92 10.43
CA VAL A 352 -11.99 16.25 9.05
C VAL A 352 -13.16 16.18 8.10
N VAL A 353 -13.22 17.09 7.16
CA VAL A 353 -14.25 17.05 6.10
C VAL A 353 -13.44 16.61 4.89
N THR A 354 -13.70 15.44 4.36
CA THR A 354 -12.77 14.99 3.33
C THR A 354 -13.08 15.53 1.94
N GLY A 355 -12.92 16.81 1.70
CA GLY A 355 -13.05 17.25 0.30
C GLY A 355 -14.44 17.70 -0.03
N LEU A 356 -14.57 18.84 -0.69
CA LEU A 356 -15.95 19.28 -0.99
C LEU A 356 -16.33 18.80 -2.39
N GLY A 357 -15.48 18.06 -3.05
CA GLY A 357 -15.87 17.67 -4.39
C GLY A 357 -16.88 16.56 -4.44
N GLY A 358 -18.17 16.92 -4.35
CA GLY A 358 -19.23 15.93 -4.29
C GLY A 358 -19.59 15.50 -2.89
N ASN A 359 -19.19 16.24 -1.91
CA ASN A 359 -19.45 16.04 -0.51
C ASN A 359 -20.72 16.78 -0.12
N PRO A 360 -21.71 16.09 0.46
CA PRO A 360 -22.89 16.81 0.94
C PRO A 360 -22.60 17.74 2.08
N MET A 361 -21.52 17.50 2.83
CA MET A 361 -21.11 18.43 3.87
C MET A 361 -20.83 19.81 3.29
N ALA A 362 -20.62 19.83 1.99
CA ALA A 362 -20.37 21.10 1.31
C ALA A 362 -21.61 21.93 1.54
N VAL A 363 -22.76 21.35 1.23
CA VAL A 363 -24.03 22.11 1.39
C VAL A 363 -24.21 22.48 2.84
N VAL A 364 -23.97 21.55 3.73
CA VAL A 364 -24.20 21.84 5.17
C VAL A 364 -23.31 22.97 5.64
N SER A 365 -22.07 23.04 5.17
CA SER A 365 -21.16 24.14 5.58
C SER A 365 -21.69 25.52 5.16
N LYS A 366 -22.63 25.55 4.24
CA LYS A 366 -23.16 26.88 3.90
C LYS A 366 -24.40 27.07 4.75
N GLN A 367 -25.07 25.99 5.11
CA GLN A 367 -26.29 26.16 5.92
C GLN A 367 -25.88 26.46 7.36
N VAL A 368 -24.80 25.86 7.81
CA VAL A 368 -24.37 26.11 9.20
C VAL A 368 -23.01 26.77 9.14
N ASN A 369 -22.80 27.85 9.87
CA ASN A 369 -21.51 28.56 9.73
C ASN A 369 -20.46 27.64 10.33
N MET A 370 -19.79 26.90 9.47
CA MET A 370 -18.71 26.02 9.92
C MET A 370 -17.46 26.75 9.48
N GLU A 371 -16.51 27.00 10.38
CA GLU A 371 -15.30 27.71 9.92
C GLU A 371 -14.38 26.62 9.41
N LEU A 372 -14.21 26.52 8.11
CA LEU A 372 -13.42 25.41 7.54
C LEU A 372 -12.01 25.86 7.23
N ALA A 373 -11.02 25.10 7.70
CA ALA A 373 -9.62 25.38 7.43
C ALA A 373 -8.98 24.18 6.74
N LYS A 374 -8.20 24.43 5.67
CA LYS A 374 -7.50 23.34 5.00
C LYS A 374 -6.43 22.72 5.89
N ILE A 375 -5.98 21.55 5.45
CA ILE A 375 -4.92 20.84 6.20
C ILE A 375 -3.68 20.82 5.32
N LYS A 376 -2.62 21.50 5.74
CA LYS A 376 -1.40 21.47 4.91
C LYS A 376 -0.86 20.05 5.00
N GLN A 377 -0.59 19.44 3.87
CA GLN A 377 -0.16 18.02 3.85
C GLN A 377 1.17 17.80 4.55
N LYS A 378 2.09 18.75 4.47
CA LYS A 378 3.47 18.52 4.98
C LYS A 378 3.43 18.06 6.42
N CYS A 379 4.09 16.95 6.70
CA CYS A 379 4.16 16.38 8.05
C CYS A 379 5.56 15.85 8.26
N PRO A 380 6.40 16.49 9.08
CA PRO A 380 7.73 15.99 9.30
C PRO A 380 7.66 14.90 10.36
N LEU A 381 8.49 13.88 10.23
CA LEU A 381 8.54 12.75 11.17
C LEU A 381 9.68 12.98 12.14
N TYR A 382 9.53 12.59 13.39
CA TYR A 382 10.61 12.75 14.39
C TYR A 382 10.81 11.40 15.02
N GLU A 383 12.04 10.93 15.12
CA GLU A 383 12.25 9.57 15.66
C GLU A 383 12.24 9.58 17.18
N ALA A 384 12.31 8.40 17.77
CA ALA A 384 12.31 8.15 19.23
C ALA A 384 13.25 9.10 19.93
N ASN A 385 14.49 9.21 19.45
CA ASN A 385 15.45 10.13 20.10
C ASN A 385 14.90 11.56 20.09
N GLY A 386 14.27 12.01 19.02
CA GLY A 386 13.73 13.38 18.98
C GLY A 386 14.36 14.15 17.86
N GLN A 387 15.00 13.44 16.93
CA GLN A 387 15.63 14.15 15.80
C GLN A 387 14.81 13.90 14.55
N ALA A 388 14.61 14.94 13.75
CA ALA A 388 13.78 14.81 12.54
C ALA A 388 14.37 13.80 11.58
N VAL A 389 13.53 12.99 10.96
CA VAL A 389 14.04 12.08 9.95
C VAL A 389 14.62 12.90 8.79
N PRO A 390 15.82 12.57 8.33
CA PRO A 390 16.41 13.30 7.20
C PRO A 390 15.56 13.18 5.93
N LYS A 391 15.45 14.28 5.20
CA LYS A 391 14.57 14.32 4.02
C LYS A 391 14.83 13.19 3.03
N GLU A 392 16.08 12.84 2.80
CA GLU A 392 16.39 11.75 1.87
C GLU A 392 15.84 10.42 2.36
N LYS A 393 15.78 10.24 3.69
CA LYS A 393 15.27 9.03 4.33
C LYS A 393 13.74 9.00 4.28
N ASP A 394 13.11 10.11 4.74
CA ASP A 394 11.67 10.30 4.69
C ASP A 394 11.10 9.89 3.34
N GLU A 395 11.65 10.48 2.27
CA GLU A 395 11.14 10.23 0.92
C GLU A 395 11.35 8.78 0.51
N MET A 396 12.47 8.20 0.94
CA MET A 396 12.76 6.80 0.63
C MET A 396 11.69 5.87 1.18
N VAL A 397 11.45 5.97 2.50
CA VAL A 397 10.58 5.03 3.18
C VAL A 397 9.16 5.17 2.66
N GLU A 398 8.64 6.41 2.67
CA GLU A 398 7.32 6.69 2.12
C GLU A 398 7.16 6.03 0.75
N GLN A 399 8.11 6.27 -0.17
CA GLN A 399 8.00 5.64 -1.49
C GLN A 399 7.93 4.13 -1.37
N GLU A 400 8.73 3.59 -0.48
CA GLU A 400 8.74 2.13 -0.35
C GLU A 400 7.36 1.73 0.16
N PHE A 401 6.81 2.54 1.02
CA PHE A 401 5.49 2.25 1.61
C PHE A 401 4.46 2.07 0.50
N ASN A 402 4.31 3.07 -0.34
CA ASN A 402 3.32 3.00 -1.44
C ASN A 402 3.71 1.82 -2.31
N ARG A 403 5.00 1.65 -2.56
CA ARG A 403 5.50 0.50 -3.34
C ARG A 403 4.94 -0.78 -2.73
N LEU A 404 5.12 -0.96 -1.43
CA LEU A 404 4.55 -2.14 -0.76
C LEU A 404 3.02 -2.20 -0.85
N LEU A 405 2.33 -1.08 -0.78
CA LEU A 405 0.87 -1.20 -0.90
C LEU A 405 0.51 -1.61 -2.32
N GLU A 406 1.23 -1.18 -3.35
CA GLU A 406 0.79 -1.65 -4.68
C GLU A 406 0.97 -3.16 -4.67
N ALA A 407 2.14 -3.59 -4.19
CA ALA A 407 2.56 -4.98 -4.14
C ALA A 407 1.42 -5.91 -3.70
N THR A 408 0.76 -5.52 -2.63
CA THR A 408 -0.35 -6.34 -2.10
C THR A 408 -1.44 -6.41 -3.14
N SER A 409 -1.82 -5.26 -3.69
CA SER A 409 -2.94 -5.22 -4.64
C SER A 409 -2.62 -6.09 -5.84
N TYR A 410 -1.40 -6.01 -6.35
CA TYR A 410 -1.03 -6.87 -7.50
C TYR A 410 -1.12 -8.31 -7.04
N LEU A 411 -0.59 -8.59 -5.87
CA LEU A 411 -0.62 -9.96 -5.34
C LEU A 411 -2.06 -10.38 -5.12
N SER A 412 -2.94 -9.50 -4.65
CA SER A 412 -4.35 -9.95 -4.50
C SER A 412 -5.05 -10.11 -5.84
N HIS A 413 -4.93 -9.14 -6.73
CA HIS A 413 -5.73 -9.27 -7.99
C HIS A 413 -5.11 -10.25 -8.98
N GLN A 414 -3.85 -10.07 -9.31
CA GLN A 414 -3.19 -10.93 -10.31
C GLN A 414 -2.92 -12.33 -9.78
N LEU A 415 -2.43 -12.44 -8.56
CA LEU A 415 -2.04 -13.78 -8.06
C LEU A 415 -3.19 -14.44 -7.29
N ASP A 416 -4.28 -13.72 -7.08
CA ASP A 416 -5.47 -14.28 -6.37
C ASP A 416 -5.04 -14.90 -5.04
N PHE A 417 -4.16 -14.22 -4.31
CA PHE A 417 -3.71 -14.69 -3.00
C PHE A 417 -4.69 -14.17 -1.96
N ASN A 418 -5.89 -14.76 -1.94
CA ASN A 418 -6.94 -14.25 -1.06
C ASN A 418 -7.50 -15.27 -0.09
N VAL A 419 -6.98 -16.50 -0.09
CA VAL A 419 -7.31 -17.51 0.93
C VAL A 419 -6.00 -18.20 1.34
N LEU A 420 -5.90 -18.59 2.60
CA LEU A 420 -4.69 -19.28 3.05
C LEU A 420 -5.01 -20.07 4.31
N ASN A 421 -5.00 -21.41 4.19
CA ASN A 421 -5.31 -22.32 5.29
C ASN A 421 -6.80 -22.26 5.64
N ASN A 422 -7.64 -22.12 4.61
CA ASN A 422 -9.09 -21.94 4.78
C ASN A 422 -9.40 -20.75 5.68
N LYS A 423 -8.77 -19.62 5.38
CA LYS A 423 -8.98 -18.38 6.09
C LYS A 423 -8.80 -17.25 5.10
N PRO A 424 -9.49 -16.13 5.26
CA PRO A 424 -9.25 -15.00 4.36
C PRO A 424 -7.94 -14.29 4.67
N VAL A 425 -7.28 -13.84 3.63
CA VAL A 425 -6.00 -13.17 3.82
C VAL A 425 -6.26 -11.72 4.22
N SER A 426 -5.54 -11.26 5.25
CA SER A 426 -5.66 -9.86 5.60
C SER A 426 -4.59 -9.03 4.88
N LEU A 427 -4.77 -7.71 4.93
CA LEU A 427 -3.76 -6.81 4.37
C LEU A 427 -2.45 -6.94 5.14
N GLY A 428 -2.52 -7.13 6.45
CA GLY A 428 -1.32 -7.34 7.23
C GLY A 428 -0.54 -8.58 6.83
N GLN A 429 -1.22 -9.70 6.59
CA GLN A 429 -0.51 -10.87 6.11
C GLN A 429 0.16 -10.60 4.77
N ALA A 430 -0.61 -10.06 3.81
CA ALA A 430 -0.08 -9.84 2.48
C ALA A 430 1.07 -8.85 2.49
N LEU A 431 1.13 -7.97 3.50
CA LEU A 431 2.31 -7.10 3.62
C LEU A 431 3.52 -7.89 4.09
N GLU A 432 3.37 -8.65 5.18
CA GLU A 432 4.46 -9.50 5.62
C GLU A 432 4.99 -10.32 4.46
N VAL A 433 4.10 -11.00 3.73
CA VAL A 433 4.57 -11.83 2.62
C VAL A 433 5.35 -11.00 1.62
N VAL A 434 4.86 -9.80 1.29
CA VAL A 434 5.59 -8.97 0.33
C VAL A 434 6.94 -8.54 0.90
N ILE A 435 6.98 -8.14 2.17
CA ILE A 435 8.27 -7.75 2.75
C ILE A 435 9.23 -8.94 2.78
N GLN A 436 8.75 -10.10 3.24
CA GLN A 436 9.60 -11.29 3.21
C GLN A 436 10.17 -11.52 1.83
N LEU A 437 9.32 -11.48 0.80
CA LEU A 437 9.80 -11.74 -0.55
C LEU A 437 10.75 -10.66 -1.05
N GLN A 438 10.76 -9.49 -0.43
CA GLN A 438 11.77 -8.50 -0.79
C GLN A 438 13.06 -8.78 -0.04
N GLU A 439 12.97 -9.08 1.25
CA GLU A 439 14.13 -9.57 1.99
C GLU A 439 14.72 -10.83 1.34
N LYS A 440 13.87 -11.71 0.79
CA LYS A 440 14.40 -12.86 0.08
C LYS A 440 15.15 -12.43 -1.18
N HIS A 441 14.60 -11.50 -1.92
CA HIS A 441 15.25 -11.09 -3.16
C HIS A 441 16.63 -10.50 -2.89
N VAL A 442 16.74 -9.64 -1.87
CA VAL A 442 18.05 -9.10 -1.44
C VAL A 442 19.09 -10.21 -1.34
N LYS A 443 18.72 -11.32 -0.71
CA LYS A 443 19.67 -12.42 -0.54
C LYS A 443 19.92 -13.16 -1.85
N ASP A 444 18.85 -13.46 -2.58
CA ASP A 444 19.01 -14.05 -3.91
C ASP A 444 19.99 -13.24 -4.79
N GLU A 445 20.05 -11.92 -4.59
CA GLU A 445 20.95 -11.07 -5.38
C GLU A 445 22.38 -11.20 -4.90
N GLN A 446 22.59 -11.17 -3.58
CA GLN A 446 23.94 -11.38 -3.09
C GLN A 446 24.45 -12.76 -3.46
N ILE A 447 23.59 -13.78 -3.34
CA ILE A 447 24.00 -15.12 -3.68
C ILE A 447 24.50 -15.19 -5.13
N GLU A 448 23.73 -14.67 -6.10
CA GLU A 448 24.25 -14.82 -7.45
C GLU A 448 25.38 -13.86 -7.80
N HIS A 449 25.60 -12.87 -6.93
CA HIS A 449 26.68 -11.88 -7.15
C HIS A 449 27.98 -12.57 -6.82
N TRP A 450 28.10 -13.07 -5.59
CA TRP A 450 29.33 -13.80 -5.18
C TRP A 450 29.52 -15.04 -6.05
N LYS A 451 28.45 -15.73 -6.44
CA LYS A 451 28.58 -16.89 -7.34
C LYS A 451 29.26 -16.43 -8.62
N LYS A 452 28.94 -15.26 -9.18
CA LYS A 452 29.75 -14.80 -10.33
C LYS A 452 31.19 -14.61 -9.85
N ILE A 453 31.40 -14.01 -8.69
CA ILE A 453 32.81 -13.78 -8.28
C ILE A 453 33.53 -15.10 -8.11
N VAL A 454 32.94 -16.09 -7.45
CA VAL A 454 33.77 -17.31 -7.26
C VAL A 454 33.85 -18.08 -8.55
N LYS A 455 33.01 -17.81 -9.52
CA LYS A 455 33.17 -18.60 -10.76
C LYS A 455 34.49 -18.21 -11.39
N THR A 456 34.72 -16.90 -11.44
CA THR A 456 35.93 -16.29 -12.02
C THR A 456 37.18 -16.66 -11.21
N GLN A 457 37.15 -16.55 -9.88
CA GLN A 457 38.34 -16.91 -9.05
C GLN A 457 38.76 -18.31 -9.45
N GLU A 458 37.82 -19.25 -9.42
CA GLU A 458 38.08 -20.64 -9.85
C GLU A 458 38.61 -20.60 -11.27
N GLU A 459 37.95 -19.86 -12.16
CA GLU A 459 38.46 -19.78 -13.56
C GLU A 459 39.88 -19.20 -13.58
N LEU A 460 40.18 -18.23 -12.73
CA LEU A 460 41.56 -17.69 -12.69
C LEU A 460 42.47 -18.74 -12.07
N LYS A 461 42.09 -19.28 -10.92
CA LYS A 461 42.95 -20.24 -10.18
C LYS A 461 43.42 -21.35 -11.11
N GLU A 462 42.64 -21.69 -12.11
CA GLU A 462 43.08 -22.67 -13.07
C GLU A 462 43.97 -22.06 -14.15
N LEU A 463 43.96 -20.75 -14.20
CA LEU A 463 44.86 -20.06 -15.15
C LEU A 463 46.23 -20.09 -14.52
N LEU A 464 46.31 -19.71 -13.25
CA LEU A 464 47.62 -19.67 -12.56
C LEU A 464 48.28 -21.05 -12.62
N ASN A 465 47.53 -22.12 -12.37
CA ASN A 465 48.06 -23.49 -12.47
C ASN A 465 48.72 -23.68 -13.83
N LYS A 466 48.08 -23.29 -14.92
CA LYS A 466 48.79 -23.42 -16.20
C LYS A 466 50.03 -22.54 -16.15
N MET A 467 49.88 -21.32 -15.65
CA MET A 467 51.03 -20.40 -15.62
C MET A 467 52.16 -21.01 -14.82
N VAL A 468 51.90 -21.50 -13.63
CA VAL A 468 53.04 -22.05 -12.85
C VAL A 468 53.66 -23.23 -13.58
N ASN A 469 52.85 -24.17 -14.07
CA ASN A 469 53.45 -25.35 -14.72
C ASN A 469 54.25 -24.90 -15.92
N LEU A 470 53.68 -24.04 -16.75
CA LEU A 470 54.43 -23.60 -17.93
C LEU A 470 55.72 -22.90 -17.51
N LYS A 471 55.66 -22.03 -16.51
CA LYS A 471 56.88 -21.33 -16.08
C LYS A 471 57.92 -22.36 -15.65
N GLU A 472 57.53 -23.36 -14.89
CA GLU A 472 58.46 -24.44 -14.50
C GLU A 472 59.04 -25.03 -15.77
N LYS A 473 58.19 -25.39 -16.73
CA LYS A 473 58.70 -25.95 -18.00
C LYS A 473 59.68 -24.97 -18.64
N ILE A 474 59.30 -23.72 -18.83
CA ILE A 474 60.25 -22.76 -19.38
C ILE A 474 61.54 -22.76 -18.57
N LYS A 475 61.44 -22.92 -17.25
CA LYS A 475 62.62 -22.82 -16.40
C LYS A 475 63.66 -23.87 -16.79
N GLU A 476 63.24 -25.11 -16.96
CA GLU A 476 64.17 -26.16 -17.34
C GLU A 476 64.53 -26.12 -18.81
N LEU A 477 63.69 -25.54 -19.67
CA LEU A 477 64.06 -25.59 -21.06
C LEU A 477 65.15 -24.59 -21.33
N HIS A 478 65.13 -23.46 -20.63
CA HIS A 478 66.27 -22.55 -20.57
C HIS A 478 67.59 -23.27 -20.32
N GLN A 479 67.70 -23.88 -19.14
CA GLN A 479 68.88 -24.67 -18.80
C GLN A 479 69.34 -25.51 -19.98
N GLN A 480 68.40 -26.19 -20.63
CA GLN A 480 68.74 -27.02 -21.78
C GLN A 480 69.33 -26.19 -22.93
N TYR A 481 68.60 -25.17 -23.39
CA TYR A 481 69.15 -24.30 -24.43
C TYR A 481 70.48 -23.73 -24.00
N LYS A 482 70.62 -23.45 -22.71
CA LYS A 482 71.91 -22.87 -22.29
C LYS A 482 72.98 -23.93 -22.43
N GLU A 483 72.75 -25.13 -21.92
CA GLU A 483 73.76 -26.21 -21.98
C GLU A 483 74.13 -26.49 -23.43
N ALA A 484 73.14 -26.53 -24.33
CA ALA A 484 73.45 -26.74 -25.75
C ALA A 484 74.27 -25.56 -26.28
N SER A 485 74.00 -24.34 -25.84
CA SER A 485 74.79 -23.18 -26.28
C SER A 485 76.22 -23.27 -25.77
N GLU A 486 76.42 -23.82 -24.58
CA GLU A 486 77.78 -23.91 -24.01
C GLU A 486 78.69 -24.77 -24.88
N VAL A 487 78.21 -25.82 -25.53
CA VAL A 487 79.14 -26.61 -26.37
C VAL A 487 79.56 -25.67 -27.48
N LYS A 488 80.78 -25.17 -27.39
CA LYS A 488 81.30 -24.15 -28.31
C LYS A 488 81.53 -24.74 -29.69
N PRO A 489 81.41 -23.92 -30.74
CA PRO A 489 81.59 -24.35 -32.10
C PRO A 489 83.06 -24.59 -32.35
N PRO A 490 83.44 -25.47 -33.28
CA PRO A 490 82.66 -25.76 -34.47
C PRO A 490 81.88 -27.03 -34.15
N ARG A 491 80.61 -27.09 -34.52
CA ARG A 491 79.83 -28.27 -34.14
C ARG A 491 79.17 -28.90 -35.36
N ASP A 492 78.78 -30.16 -35.22
CA ASP A 492 78.10 -30.87 -36.31
C ASP A 492 76.65 -30.40 -36.36
N ILE A 493 75.98 -30.61 -37.48
CA ILE A 493 74.61 -30.07 -37.62
C ILE A 493 73.66 -30.54 -36.53
N THR A 494 73.84 -31.75 -35.98
CA THR A 494 72.83 -32.11 -34.99
C THR A 494 72.96 -31.23 -33.76
N ALA A 495 74.19 -31.02 -33.29
CA ALA A 495 74.45 -30.13 -32.18
C ALA A 495 74.10 -28.69 -32.48
N GLU A 496 74.09 -28.29 -33.75
CA GLU A 496 73.62 -26.96 -34.14
C GLU A 496 72.10 -26.93 -34.13
N PHE A 497 71.48 -27.95 -34.71
CA PHE A 497 70.03 -28.08 -34.71
C PHE A 497 69.49 -27.99 -33.31
N LEU A 498 70.24 -28.53 -32.35
CA LEU A 498 69.70 -28.63 -31.01
C LEU A 498 69.73 -27.28 -30.31
N VAL A 499 70.65 -26.39 -30.65
CA VAL A 499 70.54 -25.01 -30.17
C VAL A 499 69.36 -24.32 -30.84
N LYS A 500 69.33 -24.34 -32.18
CA LYS A 500 68.29 -23.62 -32.90
C LYS A 500 66.90 -24.07 -32.50
N SER A 501 66.72 -25.37 -32.26
CA SER A 501 65.39 -25.91 -31.95
C SER A 501 65.01 -25.71 -30.49
N LYS A 502 65.90 -25.98 -29.52
CA LYS A 502 65.63 -25.53 -28.16
C LYS A 502 65.43 -24.03 -28.09
N HIS A 503 65.89 -23.27 -29.10
CA HIS A 503 65.60 -21.85 -29.09
C HIS A 503 64.20 -21.57 -29.59
N ARG A 504 63.82 -22.18 -30.71
CA ARG A 504 62.42 -22.09 -31.13
C ARG A 504 61.49 -22.62 -30.05
N ASP A 505 61.83 -23.76 -29.46
CA ASP A 505 60.99 -24.36 -28.44
C ASP A 505 60.78 -23.41 -27.27
N LEU A 506 61.86 -22.78 -26.78
CA LEU A 506 61.71 -21.92 -25.60
C LEU A 506 60.99 -20.63 -25.93
N THR A 507 61.20 -20.07 -27.13
CA THR A 507 60.41 -18.91 -27.50
C THR A 507 58.93 -19.28 -27.63
N ALA A 508 58.62 -20.41 -28.30
CA ALA A 508 57.23 -20.90 -28.37
C ALA A 508 56.53 -20.91 -27.00
N LEU A 509 57.12 -21.58 -26.01
CA LEU A 509 56.56 -21.53 -24.66
C LEU A 509 56.60 -20.13 -24.05
N CYS A 510 57.54 -19.29 -24.45
CA CYS A 510 57.49 -17.92 -23.95
C CYS A 510 56.32 -17.14 -24.52
N LYS A 511 55.77 -17.54 -25.66
CA LYS A 511 54.59 -16.85 -26.18
C LYS A 511 53.31 -17.37 -25.55
N GLU A 512 53.17 -18.70 -25.43
CA GLU A 512 52.06 -19.26 -24.67
C GLU A 512 51.92 -18.57 -23.33
N TYR A 513 53.01 -18.47 -22.56
CA TYR A 513 52.95 -17.85 -21.23
C TYR A 513 52.76 -16.35 -21.31
N ASP A 514 53.15 -15.74 -22.43
CA ASP A 514 52.88 -14.31 -22.58
C ASP A 514 51.38 -14.05 -22.75
N GLU A 515 50.73 -14.85 -23.62
CA GLU A 515 49.28 -14.76 -23.80
C GLU A 515 48.52 -15.06 -22.53
N LEU A 516 49.09 -15.84 -21.61
CA LEU A 516 48.35 -16.16 -20.41
C LEU A 516 48.32 -15.00 -19.42
N ALA A 517 49.38 -14.21 -19.29
CA ALA A 517 49.28 -13.05 -18.40
C ALA A 517 48.59 -11.88 -19.06
N GLU A 518 48.41 -11.96 -20.38
CA GLU A 518 47.46 -11.12 -21.11
C GLU A 518 46.03 -11.45 -20.68
N THR A 519 45.79 -12.73 -20.48
CA THR A 519 44.45 -13.17 -20.04
C THR A 519 44.38 -13.03 -18.54
N GLN A 520 45.50 -13.16 -17.84
CA GLN A 520 45.42 -13.01 -16.37
C GLN A 520 44.99 -11.59 -16.05
N GLY A 521 45.52 -10.61 -16.76
CA GLY A 521 45.14 -9.20 -16.53
C GLY A 521 43.67 -9.00 -16.84
N LYS A 522 43.16 -9.68 -17.87
CA LYS A 522 41.75 -9.61 -18.33
C LYS A 522 40.80 -10.08 -17.23
N LEU A 523 41.18 -11.00 -16.36
CA LEU A 523 40.27 -11.41 -15.27
C LEU A 523 40.68 -10.70 -13.99
N GLU A 524 41.89 -10.18 -13.93
CA GLU A 524 42.30 -9.59 -12.63
C GLU A 524 41.42 -8.41 -12.27
N GLU A 525 41.14 -7.51 -13.21
CA GLU A 525 40.32 -6.31 -12.89
C GLU A 525 38.85 -6.69 -12.71
N LYS A 526 38.38 -7.71 -13.41
CA LYS A 526 36.95 -8.10 -13.38
C LYS A 526 36.64 -8.44 -11.93
N LEU A 527 37.55 -9.13 -11.27
CA LEU A 527 37.38 -9.45 -9.84
C LEU A 527 37.40 -8.15 -9.04
N GLN A 528 38.23 -7.19 -9.42
CA GLN A 528 38.28 -5.90 -8.69
C GLN A 528 37.00 -5.11 -9.00
N GLU A 529 36.43 -5.30 -10.19
CA GLU A 529 35.17 -4.61 -10.50
C GLU A 529 34.06 -5.18 -9.64
N LEU A 530 33.70 -6.46 -9.86
CA LEU A 530 32.56 -7.05 -9.16
C LEU A 530 32.68 -6.89 -7.66
N GLU A 531 33.90 -6.83 -7.11
CA GLU A 531 33.99 -6.63 -5.66
C GLU A 531 33.62 -5.20 -5.27
N ALA A 532 33.76 -4.26 -6.19
CA ALA A 532 33.35 -2.87 -5.95
C ALA A 532 31.98 -2.54 -6.54
N ASN A 533 31.28 -3.53 -7.12
CA ASN A 533 29.89 -3.43 -7.54
C ASN A 533 28.96 -4.31 -6.71
N PRO A 534 29.01 -4.27 -5.37
CA PRO A 534 28.19 -5.19 -4.60
C PRO A 534 26.75 -4.73 -4.60
N PRO A 535 25.79 -5.63 -4.65
CA PRO A 535 24.39 -5.20 -4.61
C PRO A 535 23.98 -4.83 -3.20
N SER A 536 22.67 -4.72 -2.97
CA SER A 536 22.16 -4.12 -1.74
C SER A 536 22.43 -5.02 -0.55
N ASP A 537 22.98 -4.41 0.51
CA ASP A 537 23.33 -5.15 1.72
C ASP A 537 22.09 -5.69 2.44
N VAL A 538 21.08 -4.84 2.62
CA VAL A 538 19.82 -5.16 3.32
C VAL A 538 18.63 -4.80 2.44
N TYR A 539 17.44 -5.13 2.93
CA TYR A 539 16.22 -4.65 2.26
C TYR A 539 15.81 -3.38 3.00
N LEU A 540 15.80 -3.46 4.32
CA LEU A 540 15.46 -2.31 5.16
C LEU A 540 16.19 -2.47 6.49
N SER A 541 16.77 -1.40 7.00
CA SER A 541 17.51 -1.50 8.28
C SER A 541 16.54 -1.44 9.44
N SER A 542 17.03 -1.67 10.65
CA SER A 542 16.18 -1.56 11.84
C SER A 542 15.63 -0.14 11.90
N ARG A 543 16.49 0.85 11.72
CA ARG A 543 15.97 2.23 11.75
C ARG A 543 15.03 2.43 10.57
N ASP A 544 15.35 1.89 9.39
CA ASP A 544 14.46 2.10 8.22
C ASP A 544 13.06 1.61 8.55
N ARG A 545 12.94 0.34 8.94
CA ARG A 545 11.61 -0.25 9.23
C ARG A 545 10.81 0.59 10.22
N GLN A 546 11.44 1.04 11.30
CA GLN A 546 10.75 1.87 12.31
C GLN A 546 10.05 3.03 11.62
N ILE A 547 10.65 3.55 10.57
CA ILE A 547 10.00 4.67 9.86
C ILE A 547 8.86 4.05 9.07
N LEU A 548 9.07 2.86 8.55
CA LEU A 548 8.02 2.20 7.75
C LEU A 548 6.78 2.06 8.60
N ASP A 549 6.93 1.57 9.82
CA ASP A 549 5.81 1.39 10.76
C ASP A 549 4.97 2.63 10.92
N TRP A 550 5.59 3.80 11.02
CA TRP A 550 4.76 5.01 11.14
C TRP A 550 3.81 5.08 9.96
N HIS A 551 4.29 4.87 8.75
CA HIS A 551 3.37 4.80 7.61
C HIS A 551 2.35 3.70 7.85
N PHE A 552 2.72 2.61 8.52
CA PHE A 552 1.70 1.62 8.82
C PHE A 552 0.76 2.09 9.93
N ALA A 553 1.29 2.76 10.94
CA ALA A 553 0.41 3.32 11.95
C ALA A 553 -0.54 4.33 11.35
N ASN A 554 -0.02 5.15 10.45
CA ASN A 554 -0.88 6.16 9.81
C ASN A 554 -1.98 5.41 9.07
N LEU A 555 -1.66 4.28 8.48
CA LEU A 555 -2.69 3.57 7.70
C LEU A 555 -3.60 2.79 8.63
N GLU A 556 -3.16 2.50 9.84
CA GLU A 556 -4.04 1.77 10.78
C GLU A 556 -5.00 2.78 11.36
N PHE A 557 -4.62 4.04 11.42
CA PHE A 557 -5.52 5.08 11.92
C PHE A 557 -6.59 5.33 10.86
N ALA A 558 -6.22 5.39 9.60
CA ALA A 558 -7.21 5.68 8.56
C ALA A 558 -8.33 4.66 8.54
N ASN A 559 -8.06 3.43 8.94
CA ASN A 559 -9.09 2.41 8.94
C ASN A 559 -9.45 2.00 10.36
N ALA A 560 -8.88 2.67 11.35
CA ALA A 560 -9.19 2.45 12.77
C ALA A 560 -9.06 0.98 13.18
N THR A 561 -8.06 0.27 12.65
CA THR A 561 -7.93 -1.12 13.05
C THR A 561 -6.54 -1.61 12.70
N PRO A 562 -6.02 -2.59 13.43
CA PRO A 562 -4.74 -3.21 13.06
C PRO A 562 -4.81 -3.85 11.67
N LEU A 563 -3.81 -3.56 10.83
CA LEU A 563 -3.83 -4.08 9.47
C LEU A 563 -3.96 -5.60 9.42
N SER A 564 -3.83 -6.28 10.55
CA SER A 564 -3.96 -7.73 10.54
C SER A 564 -5.40 -8.16 10.36
N THR A 565 -6.35 -7.23 10.54
CA THR A 565 -7.79 -7.51 10.51
C THR A 565 -8.47 -7.02 9.24
N LEU A 566 -7.88 -6.05 8.53
CA LEU A 566 -8.45 -5.52 7.29
C LEU A 566 -8.48 -6.59 6.20
N SER A 567 -9.56 -6.62 5.42
CA SER A 567 -9.62 -7.55 4.31
C SER A 567 -8.62 -7.14 3.24
N LEU A 568 -7.76 -8.07 2.84
CA LEU A 568 -6.86 -7.78 1.74
C LEU A 568 -7.64 -7.46 0.48
N LYS A 569 -8.68 -8.22 0.18
CA LYS A 569 -9.32 -8.02 -1.10
C LYS A 569 -10.09 -6.69 -1.12
N HIS A 570 -10.71 -6.31 0.00
CA HIS A 570 -11.78 -5.31 -0.03
C HIS A 570 -11.55 -4.03 0.77
N TRP A 571 -10.47 -3.91 1.53
CA TRP A 571 -10.35 -2.82 2.49
C TRP A 571 -10.42 -1.43 1.87
N ASP A 572 -10.23 -1.32 0.56
CA ASP A 572 -10.09 -0.05 -0.13
C ASP A 572 -11.21 0.15 -1.16
N GLN A 573 -12.35 -0.51 -0.96
CA GLN A 573 -13.46 -0.39 -1.91
C GLN A 573 -14.11 1.00 -1.87
N ASP A 574 -14.13 1.66 -0.70
CA ASP A 574 -14.59 3.06 -0.62
C ASP A 574 -13.63 4.04 -1.27
N ASP A 575 -12.38 3.65 -1.52
CA ASP A 575 -11.28 4.49 -1.99
C ASP A 575 -11.45 4.83 -3.47
N ASP A 576 -12.56 4.35 -4.05
CA ASP A 576 -12.97 4.72 -5.39
C ASP A 576 -13.81 5.99 -5.40
N PHE A 577 -14.72 6.13 -4.46
CA PHE A 577 -15.68 7.23 -4.47
C PHE A 577 -15.16 8.45 -3.74
N GLU A 578 -13.84 8.65 -3.70
CA GLU A 578 -13.30 9.74 -2.89
C GLU A 578 -13.80 11.06 -3.42
N PHE A 579 -13.89 12.02 -2.53
CA PHE A 579 -14.24 13.35 -2.95
C PHE A 579 -12.99 14.06 -3.46
N THR A 580 -13.19 15.01 -4.35
CA THR A 580 -12.09 15.86 -4.80
C THR A 580 -11.96 17.09 -3.90
N GLY A 581 -10.80 17.74 -3.97
CA GLY A 581 -10.46 18.79 -3.04
C GLY A 581 -9.68 18.25 -1.86
N SER A 582 -9.25 19.17 -1.01
CA SER A 582 -8.37 18.78 0.08
C SER A 582 -9.13 18.65 1.38
N HIS A 583 -8.64 17.77 2.24
CA HIS A 583 -9.28 17.52 3.51
C HIS A 583 -9.19 18.76 4.42
N LEU A 584 -10.24 19.02 5.19
CA LEU A 584 -10.33 20.25 5.99
C LEU A 584 -10.51 19.90 7.45
N THR A 585 -10.52 20.91 8.29
CA THR A 585 -10.95 20.72 9.67
C THR A 585 -11.96 21.77 10.02
N VAL A 586 -12.60 21.56 11.15
CA VAL A 586 -13.65 22.51 11.62
C VAL A 586 -13.08 23.28 12.79
N ARG A 587 -12.74 24.53 12.56
CA ARG A 587 -12.11 25.34 13.62
C ARG A 587 -13.05 25.52 14.80
N ASN A 588 -14.36 25.69 14.60
CA ASN A 588 -15.27 25.99 15.73
C ASN A 588 -15.79 24.72 16.39
N GLY A 589 -15.33 23.55 15.95
CA GLY A 589 -15.77 22.29 16.54
C GLY A 589 -16.81 21.68 15.65
N TYR A 590 -16.73 20.37 15.43
CA TYR A 590 -17.71 19.74 14.54
C TYR A 590 -19.03 19.59 15.29
N SER A 591 -19.07 19.99 16.55
CA SER A 591 -20.28 19.82 17.37
C SER A 591 -21.41 20.70 16.86
N CYS A 592 -21.12 21.82 16.22
CA CYS A 592 -22.19 22.73 15.74
C CYS A 592 -23.06 22.08 14.68
N VAL A 593 -22.59 21.13 13.90
CA VAL A 593 -23.45 20.57 12.83
C VAL A 593 -24.64 19.85 13.45
N PRO A 594 -24.43 18.81 14.28
CA PRO A 594 -25.51 18.09 14.91
C PRO A 594 -26.45 19.04 15.60
N VAL A 595 -25.90 19.89 16.44
CA VAL A 595 -26.71 20.90 17.18
C VAL A 595 -27.51 21.74 16.21
N ALA A 596 -26.93 22.17 15.10
CA ALA A 596 -27.74 22.89 14.12
C ALA A 596 -28.88 21.98 13.67
N LEU A 597 -28.58 20.75 13.32
CA LEU A 597 -29.66 19.87 12.84
C LEU A 597 -30.68 19.70 13.94
N ALA A 598 -30.23 19.43 15.14
CA ALA A 598 -31.16 19.15 16.24
C ALA A 598 -32.22 20.23 16.46
N GLU A 599 -32.04 21.44 15.92
CA GLU A 599 -33.09 22.44 15.97
C GLU A 599 -34.45 21.89 15.57
N GLY A 600 -35.43 22.13 16.42
CA GLY A 600 -36.80 21.90 16.04
C GLY A 600 -37.21 20.45 16.03
N LEU A 601 -36.51 19.59 16.74
CA LEU A 601 -36.79 18.16 16.75
C LEU A 601 -37.05 17.67 18.15
N ASP A 602 -37.87 16.62 18.23
CA ASP A 602 -38.24 16.00 19.50
C ASP A 602 -37.16 15.02 19.92
N ILE A 603 -36.30 15.41 20.84
CA ILE A 603 -35.17 14.57 21.20
C ILE A 603 -35.23 14.29 22.70
N LYS A 604 -35.43 13.02 23.05
CA LYS A 604 -35.42 12.57 24.44
C LYS A 604 -34.01 12.14 24.82
N LEU A 605 -33.28 12.99 25.55
CA LEU A 605 -31.93 12.60 25.97
C LEU A 605 -32.00 11.80 27.25
N ASN A 606 -30.88 11.16 27.59
CA ASN A 606 -30.82 10.34 28.80
C ASN A 606 -31.87 9.23 28.74
N THR A 607 -31.99 8.63 27.57
CA THR A 607 -33.10 7.72 27.27
C THR A 607 -32.46 6.54 26.56
N ALA A 608 -32.12 5.49 27.30
CA ALA A 608 -31.41 4.36 26.72
C ALA A 608 -32.42 3.33 26.22
N VAL A 609 -32.54 3.21 24.89
CA VAL A 609 -33.39 2.18 24.35
C VAL A 609 -32.84 0.83 24.75
N ARG A 610 -33.74 -0.09 25.03
CA ARG A 610 -33.27 -1.28 25.72
C ARG A 610 -33.91 -2.54 25.19
N GLN A 611 -35.08 -2.43 24.55
CA GLN A 611 -35.72 -3.51 23.83
C GLN A 611 -36.54 -2.91 22.68
N VAL A 612 -36.39 -3.50 21.50
CA VAL A 612 -37.12 -3.08 20.30
C VAL A 612 -38.03 -4.22 19.88
N ARG A 613 -39.30 -3.89 19.71
CA ARG A 613 -40.38 -4.85 19.66
C ARG A 613 -41.24 -4.41 18.49
N TYR A 614 -41.28 -5.22 17.43
CA TYR A 614 -41.85 -4.82 16.14
C TYR A 614 -42.72 -5.97 15.64
N THR A 615 -43.94 -5.64 15.22
CA THR A 615 -44.92 -6.65 14.84
C THR A 615 -45.73 -6.15 13.67
N ALA A 616 -46.58 -7.04 13.16
CA ALA A 616 -47.31 -6.78 11.93
C ALA A 616 -48.13 -5.51 11.99
N SER A 617 -48.56 -5.07 13.16
CA SER A 617 -49.45 -3.91 13.29
C SER A 617 -48.75 -2.64 13.75
N GLY A 618 -47.48 -2.72 14.12
CA GLY A 618 -46.73 -1.58 14.61
C GLY A 618 -45.60 -2.03 15.50
N CYS A 619 -44.95 -1.06 16.14
CA CYS A 619 -43.77 -1.31 16.97
C CYS A 619 -43.85 -0.62 18.31
N GLU A 620 -43.04 -1.15 19.21
CA GLU A 620 -42.96 -0.75 20.61
C GLU A 620 -41.49 -0.66 20.98
N VAL A 621 -41.04 0.52 21.38
CA VAL A 621 -39.67 0.73 21.82
C VAL A 621 -39.68 0.98 23.32
N ILE A 622 -38.82 0.28 24.06
CA ILE A 622 -38.79 0.31 25.52
C ILE A 622 -37.48 0.94 25.96
N ALA A 623 -37.54 2.12 26.58
CA ALA A 623 -36.34 2.79 27.06
C ALA A 623 -36.40 3.06 28.57
N VAL A 624 -35.21 3.20 29.18
CA VAL A 624 -35.08 3.58 30.58
C VAL A 624 -34.46 4.97 30.65
N ASN A 625 -34.58 5.58 31.83
CA ASN A 625 -33.81 6.79 32.13
C ASN A 625 -32.39 6.42 32.52
N THR A 626 -31.40 7.12 31.97
CA THR A 626 -30.03 6.73 32.25
C THR A 626 -29.61 7.12 33.66
N ARG A 627 -30.13 8.24 34.16
CA ARG A 627 -29.67 8.75 35.44
C ARG A 627 -30.14 7.86 36.58
N SER A 628 -31.42 7.52 36.59
CA SER A 628 -31.99 6.47 37.43
C SER A 628 -32.68 5.46 36.52
N THR A 629 -32.12 4.24 36.43
CA THR A 629 -32.62 3.24 35.49
C THR A 629 -33.98 2.75 35.96
N SER A 630 -34.52 3.36 37.01
CA SER A 630 -35.87 3.03 37.48
C SER A 630 -36.92 3.37 36.41
N GLN A 631 -37.01 4.64 36.01
CA GLN A 631 -38.08 5.11 35.13
C GLN A 631 -38.05 4.35 33.80
N THR A 632 -39.17 3.70 33.47
CA THR A 632 -39.30 2.92 32.25
C THR A 632 -40.26 3.62 31.28
N PHE A 633 -39.88 3.67 30.00
CA PHE A 633 -40.70 4.33 29.00
C PHE A 633 -41.11 3.38 27.89
N ILE A 634 -42.34 3.51 27.43
CA ILE A 634 -42.86 2.71 26.32
C ILE A 634 -43.26 3.66 25.21
N TYR A 635 -42.68 3.47 24.03
CA TYR A 635 -42.94 4.29 22.86
C TYR A 635 -43.55 3.40 21.78
N LYS A 636 -44.70 3.83 21.24
CA LYS A 636 -45.41 3.07 20.21
C LYS A 636 -45.41 3.89 18.92
N CYS A 637 -45.24 3.21 17.79
CA CYS A 637 -44.95 3.89 16.52
C CYS A 637 -45.14 2.93 15.36
N ASP A 638 -45.31 3.51 14.17
CA ASP A 638 -45.51 2.72 12.96
C ASP A 638 -44.22 2.08 12.45
N ALA A 639 -43.08 2.74 12.65
CA ALA A 639 -41.77 2.29 12.20
C ALA A 639 -40.71 2.80 13.15
N VAL A 640 -39.60 2.04 13.21
CA VAL A 640 -38.44 2.36 14.03
C VAL A 640 -37.21 2.43 13.13
N LEU A 641 -36.49 3.55 13.21
CA LEU A 641 -35.23 3.74 12.51
C LEU A 641 -34.10 3.56 13.51
N CYS A 642 -33.25 2.57 13.28
CA CYS A 642 -32.16 2.18 14.17
C CYS A 642 -30.83 2.75 13.69
N THR A 643 -30.30 3.77 14.37
CA THR A 643 -28.97 4.22 14.03
C THR A 643 -27.99 3.82 15.13
N LEU A 644 -28.26 2.71 15.78
CA LEU A 644 -27.36 2.22 16.79
C LEU A 644 -26.00 1.94 16.16
N PRO A 645 -24.92 2.47 16.72
CA PRO A 645 -23.58 2.07 16.29
C PRO A 645 -23.41 0.59 16.09
N LEU A 646 -22.59 0.20 15.11
CA LEU A 646 -22.38 -1.22 14.86
C LEU A 646 -21.79 -1.91 16.09
N GLY A 647 -20.96 -1.19 16.87
CA GLY A 647 -20.37 -1.82 18.05
C GLY A 647 -21.39 -2.14 19.10
N VAL A 648 -22.42 -1.30 19.20
CA VAL A 648 -23.57 -1.58 20.04
C VAL A 648 -24.31 -2.81 19.53
N LEU A 649 -24.62 -2.84 18.23
CA LEU A 649 -25.33 -3.99 17.66
C LEU A 649 -24.53 -5.26 17.81
N LYS A 650 -23.24 -5.14 18.11
CA LYS A 650 -22.36 -6.29 18.17
C LYS A 650 -22.32 -6.88 19.56
N GLN A 651 -22.58 -6.02 20.56
CA GLN A 651 -22.37 -6.31 21.96
C GLN A 651 -23.00 -7.64 22.36
N GLN A 652 -22.23 -8.46 23.08
CA GLN A 652 -22.71 -9.71 23.67
C GLN A 652 -22.29 -9.71 25.13
N PRO A 653 -23.23 -9.85 26.08
CA PRO A 653 -24.64 -10.12 25.78
C PRO A 653 -25.33 -8.83 25.32
N PRO A 654 -26.42 -8.95 24.58
CA PRO A 654 -26.96 -7.78 23.87
C PRO A 654 -27.38 -6.66 24.81
N ALA A 655 -26.98 -5.43 24.49
CA ALA A 655 -27.45 -4.25 25.20
C ALA A 655 -28.80 -3.76 24.71
N VAL A 656 -29.23 -4.18 23.51
CA VAL A 656 -30.58 -3.94 23.00
C VAL A 656 -31.13 -5.27 22.49
N GLN A 657 -32.28 -5.65 23.01
CA GLN A 657 -32.93 -6.89 22.64
C GLN A 657 -33.93 -6.60 21.52
N PHE A 658 -33.93 -7.46 20.51
CA PHE A 658 -34.87 -7.25 19.40
C PHE A 658 -35.94 -8.33 19.52
N VAL A 659 -37.20 -7.92 19.52
CA VAL A 659 -38.29 -8.90 19.68
C VAL A 659 -39.24 -8.75 18.51
N PRO A 660 -39.30 -9.68 17.54
CA PRO A 660 -38.53 -10.89 17.55
C PRO A 660 -37.10 -10.69 17.07
N PRO A 661 -36.22 -11.66 17.35
CA PRO A 661 -34.83 -11.53 17.07
C PRO A 661 -34.51 -11.21 15.62
N LEU A 662 -33.44 -10.47 15.43
CA LEU A 662 -33.03 -10.13 14.06
C LEU A 662 -32.69 -11.43 13.37
N PRO A 663 -33.07 -11.62 12.10
CA PRO A 663 -32.81 -12.85 11.44
C PRO A 663 -31.34 -13.17 11.26
N GLU A 664 -31.06 -14.43 10.92
CA GLU A 664 -29.67 -14.88 10.77
C GLU A 664 -28.92 -14.11 9.69
N TRP A 665 -29.57 -13.65 8.64
CA TRP A 665 -28.79 -12.90 7.65
C TRP A 665 -28.35 -11.56 8.22
N LYS A 666 -29.11 -10.95 9.12
CA LYS A 666 -28.66 -9.62 9.58
C LYS A 666 -27.67 -9.78 10.71
N THR A 667 -27.81 -10.78 11.54
CA THR A 667 -26.82 -10.85 12.63
C THR A 667 -25.48 -11.21 12.01
N SER A 668 -25.48 -12.21 11.15
CA SER A 668 -24.25 -12.69 10.53
C SER A 668 -23.45 -11.55 9.92
N ALA A 669 -24.11 -10.71 9.13
CA ALA A 669 -23.54 -9.44 8.69
C ALA A 669 -22.90 -8.69 9.83
N VAL A 670 -23.57 -8.62 10.99
CA VAL A 670 -23.02 -7.87 12.11
C VAL A 670 -21.75 -8.53 12.65
N GLN A 671 -21.74 -9.87 12.79
CA GLN A 671 -20.51 -10.54 13.20
C GLN A 671 -19.39 -10.29 12.21
N ARG A 672 -19.65 -10.55 10.92
CA ARG A 672 -18.61 -10.44 9.90
C ARG A 672 -17.97 -9.06 9.88
N MET A 673 -18.78 -8.01 10.00
CA MET A 673 -18.25 -6.68 9.79
C MET A 673 -17.22 -6.33 10.84
N GLY A 674 -16.42 -5.32 10.51
CA GLY A 674 -15.41 -4.84 11.41
C GLY A 674 -15.90 -3.55 12.03
N PHE A 675 -15.79 -3.47 13.35
CA PHE A 675 -15.90 -2.20 14.05
C PHE A 675 -14.55 -1.95 14.69
N GLY A 676 -13.95 -0.80 14.38
CA GLY A 676 -12.63 -0.47 14.84
C GLY A 676 -12.60 0.50 16.00
N ASN A 677 -11.41 1.05 16.24
CA ASN A 677 -11.08 1.82 17.43
C ASN A 677 -9.87 2.69 17.13
N LEU A 678 -9.97 3.96 17.42
CA LEU A 678 -8.82 4.86 17.21
C LEU A 678 -9.04 5.94 18.24
N ASN A 679 -8.06 6.18 19.10
CA ASN A 679 -8.23 7.09 20.25
C ASN A 679 -7.64 8.48 20.07
N LYS A 680 -7.95 9.44 20.94
CA LYS A 680 -7.39 10.81 20.76
C LYS A 680 -7.05 11.43 22.10
N VAL A 681 -5.95 12.19 22.19
CA VAL A 681 -5.56 12.89 23.45
C VAL A 681 -5.49 14.36 23.14
N VAL A 682 -6.13 15.21 23.92
CA VAL A 682 -6.19 16.62 23.60
C VAL A 682 -5.44 17.40 24.67
N LEU A 683 -4.48 18.22 24.22
CA LEU A 683 -3.45 18.84 25.02
C LEU A 683 -3.62 20.35 24.93
N CYS A 684 -4.08 20.95 26.04
CA CYS A 684 -4.37 22.38 26.08
C CYS A 684 -3.26 23.10 26.81
N PHE A 685 -2.59 23.99 26.09
CA PHE A 685 -1.46 24.74 26.69
C PHE A 685 -1.74 26.23 26.66
N ASP A 686 -0.92 26.99 27.36
CA ASP A 686 -1.07 28.47 27.42
C ASP A 686 -0.16 29.10 26.37
N ARG A 687 0.70 28.31 25.75
CA ARG A 687 1.58 28.91 24.73
C ARG A 687 1.94 27.90 23.64
N VAL A 688 1.86 28.35 22.39
CA VAL A 688 2.18 27.51 21.21
C VAL A 688 3.69 27.43 21.07
N PHE A 689 4.27 26.26 21.31
CA PHE A 689 5.72 26.14 21.15
C PHE A 689 6.03 25.19 20.01
N TRP A 690 5.08 24.98 19.12
CA TRP A 690 5.33 24.13 17.98
C TRP A 690 5.49 24.99 16.75
N ASP A 691 5.80 24.35 15.66
CA ASP A 691 5.82 25.08 14.41
C ASP A 691 4.38 25.38 14.00
N PRO A 692 3.89 26.61 14.18
CA PRO A 692 2.49 26.91 13.87
C PRO A 692 2.16 26.93 12.40
N SER A 693 3.12 26.67 11.52
CA SER A 693 2.84 26.51 10.09
C SER A 693 2.75 25.04 9.71
N VAL A 694 2.93 24.16 10.68
CA VAL A 694 2.74 22.73 10.52
C VAL A 694 1.39 22.37 11.15
N ASN A 695 0.48 21.85 10.33
CA ASN A 695 -0.79 21.37 10.86
C ASN A 695 -0.58 20.09 11.65
N LEU A 696 0.33 19.26 11.19
CA LEU A 696 0.54 17.98 11.91
C LEU A 696 1.95 17.49 11.71
N PHE A 697 2.47 16.80 12.71
CA PHE A 697 3.82 16.18 12.63
C PHE A 697 3.76 14.86 13.35
N GLY A 698 4.64 13.93 13.02
CA GLY A 698 4.51 12.62 13.66
C GLY A 698 5.67 12.29 14.57
N HIS A 699 5.58 11.15 15.25
CA HIS A 699 6.63 10.68 16.16
C HIS A 699 6.81 9.20 15.84
N VAL A 700 8.00 8.79 15.48
CA VAL A 700 8.21 7.37 15.11
C VAL A 700 8.33 6.54 16.36
N GLY A 701 7.57 5.45 16.44
CA GLY A 701 7.60 4.64 17.66
C GLY A 701 8.84 3.79 17.75
N SER A 702 9.11 3.28 18.93
CA SER A 702 10.33 2.48 19.17
C SER A 702 10.20 1.12 18.49
N THR A 703 9.09 0.43 18.69
CA THR A 703 8.96 -0.92 18.17
C THR A 703 7.74 -1.01 17.26
N THR A 704 7.65 -2.12 16.55
CA THR A 704 6.53 -2.27 15.62
C THR A 704 5.29 -2.55 16.45
N ALA A 705 5.46 -3.15 17.61
CA ALA A 705 4.29 -3.45 18.44
C ALA A 705 3.61 -2.16 18.88
N SER A 706 4.34 -1.11 19.19
CA SER A 706 3.66 0.11 19.64
C SER A 706 3.74 1.18 18.58
N ARG A 707 3.57 0.84 17.32
CA ARG A 707 3.71 1.88 16.28
C ARG A 707 2.68 3.00 16.46
N GLY A 708 1.50 2.71 16.97
CA GLY A 708 0.49 3.78 17.01
C GLY A 708 0.45 4.55 18.31
N GLU A 709 1.25 4.21 19.29
CA GLU A 709 1.16 4.95 20.55
C GLU A 709 1.54 6.41 20.30
N LEU A 710 0.55 7.28 20.22
CA LEU A 710 0.74 8.72 20.00
C LEU A 710 1.69 8.95 18.84
N PHE A 711 1.35 8.45 17.66
CA PHE A 711 2.30 8.56 16.54
C PHE A 711 1.96 9.75 15.65
N LEU A 712 1.07 10.65 16.07
CA LEU A 712 0.74 11.77 15.16
C LEU A 712 0.09 12.88 15.96
N PHE A 713 0.49 14.13 15.70
CA PHE A 713 -0.01 15.30 16.42
C PHE A 713 -0.63 16.29 15.43
N TRP A 714 -1.66 17.03 15.89
CA TRP A 714 -2.37 17.99 15.04
C TRP A 714 -2.40 19.35 15.71
N ASN A 715 -2.02 20.40 14.97
CA ASN A 715 -2.21 21.80 15.34
C ASN A 715 -3.34 22.33 14.48
N LEU A 716 -4.56 22.31 15.00
CA LEU A 716 -5.68 22.64 14.13
C LEU A 716 -6.42 23.90 14.50
N TYR A 717 -6.18 24.44 15.69
CA TYR A 717 -7.07 25.43 16.26
C TYR A 717 -6.33 26.74 16.54
N LYS A 718 -7.14 27.81 16.70
CA LYS A 718 -6.58 29.10 17.05
C LYS A 718 -5.96 29.08 18.44
N ALA A 719 -6.67 28.49 19.40
CA ALA A 719 -6.08 28.32 20.72
C ALA A 719 -4.90 27.34 20.65
N PRO A 720 -3.95 27.48 21.54
CA PRO A 720 -2.83 26.55 21.61
C PRO A 720 -3.22 25.14 22.02
N ILE A 721 -3.61 24.30 21.06
CA ILE A 721 -4.04 22.94 21.35
C ILE A 721 -3.37 22.01 20.36
N LEU A 722 -2.84 20.91 20.90
CA LEU A 722 -2.33 19.79 20.11
C LEU A 722 -3.17 18.54 20.35
N LEU A 723 -3.46 17.82 19.27
CA LEU A 723 -4.15 16.54 19.34
C LEU A 723 -3.17 15.41 19.07
N ALA A 724 -3.22 14.35 19.88
CA ALA A 724 -2.33 13.21 19.72
C ALA A 724 -3.14 11.95 19.43
N LEU A 725 -2.85 11.28 18.31
CA LEU A 725 -3.61 10.08 17.92
C LEU A 725 -3.06 8.81 18.59
N VAL A 726 -3.96 7.87 18.90
CA VAL A 726 -3.56 6.53 19.33
C VAL A 726 -4.23 5.49 18.43
N ALA A 727 -3.48 4.85 17.55
CA ALA A 727 -4.07 4.00 16.53
C ALA A 727 -3.69 2.54 16.73
N GLY A 728 -4.27 1.70 15.87
CA GLY A 728 -3.92 0.31 15.72
C GLY A 728 -4.02 -0.44 17.03
N GLU A 729 -3.14 -1.42 17.21
CA GLU A 729 -3.13 -2.21 18.43
C GLU A 729 -2.98 -1.34 19.67
N ALA A 730 -2.22 -0.24 19.58
CA ALA A 730 -2.02 0.64 20.72
C ALA A 730 -3.34 1.17 21.29
N ALA A 731 -4.33 1.38 20.43
CA ALA A 731 -5.57 2.05 20.82
C ALA A 731 -6.27 1.33 21.96
N GLY A 732 -6.65 0.10 21.73
CA GLY A 732 -7.38 -0.65 22.77
C GLY A 732 -6.54 -0.85 24.01
N ILE A 733 -5.24 -0.98 23.85
CA ILE A 733 -4.33 -1.21 25.01
C ILE A 733 -4.29 0.02 25.90
N MET A 734 -4.29 1.20 25.31
CA MET A 734 -4.15 2.44 26.10
C MET A 734 -5.43 2.83 26.84
N GLU A 735 -6.57 2.20 26.57
CA GLU A 735 -7.82 2.53 27.27
C GLU A 735 -7.76 2.10 28.74
N ASN A 736 -6.91 1.13 29.01
CA ASN A 736 -6.67 0.57 30.35
C ASN A 736 -5.44 1.24 30.93
N ILE A 737 -5.32 2.55 30.78
CA ILE A 737 -4.10 3.22 31.34
C ILE A 737 -4.46 4.63 31.78
N SER A 738 -4.06 4.98 32.99
CA SER A 738 -4.28 6.29 33.65
C SER A 738 -4.04 7.46 32.70
N ASP A 739 -4.91 8.46 32.70
CA ASP A 739 -4.74 9.62 31.81
C ASP A 739 -3.39 10.28 32.04
N ASP A 740 -3.09 10.57 33.30
CA ASP A 740 -1.83 11.23 33.68
C ASP A 740 -0.68 10.50 33.00
N VAL A 741 -0.67 9.18 33.11
CA VAL A 741 0.35 8.40 32.43
C VAL A 741 0.36 8.71 30.94
N ILE A 742 -0.81 8.70 30.30
CA ILE A 742 -0.88 8.97 28.87
C ILE A 742 -0.38 10.38 28.57
N VAL A 743 -0.82 11.37 29.35
CA VAL A 743 -0.35 12.72 29.09
C VAL A 743 1.15 12.81 29.34
N GLY A 744 1.67 12.04 30.31
CA GLY A 744 3.10 11.94 30.54
C GLY A 744 3.83 11.52 29.28
N ARG A 745 3.50 10.32 28.80
CA ARG A 745 4.17 9.78 27.58
C ARG A 745 4.04 10.82 26.49
N CYS A 746 2.98 11.61 26.56
CA CYS A 746 2.81 12.65 25.53
C CYS A 746 3.90 13.68 25.74
N LEU A 747 3.90 14.29 26.92
CA LEU A 747 4.84 15.36 27.30
C LEU A 747 6.25 14.99 26.92
N ALA A 748 6.70 13.83 27.39
CA ALA A 748 8.06 13.31 27.11
C ALA A 748 8.36 13.47 25.64
N ILE A 749 7.55 12.84 24.82
CA ILE A 749 7.71 12.85 23.35
C ILE A 749 7.89 14.27 22.85
N LEU A 750 7.01 15.17 23.24
CA LEU A 750 7.13 16.55 22.75
C LEU A 750 8.44 17.14 23.26
N LYS A 751 8.74 16.93 24.54
CA LYS A 751 9.98 17.48 25.14
C LYS A 751 11.16 17.03 24.29
N GLY A 752 11.25 15.73 24.03
CA GLY A 752 12.30 15.19 23.16
C GLY A 752 12.30 15.93 21.85
N ILE A 753 11.13 16.15 21.25
CA ILE A 753 11.16 16.86 19.94
C ILE A 753 11.52 18.33 20.08
N PHE A 754 11.01 19.00 21.11
CA PHE A 754 11.24 20.46 21.12
C PHE A 754 12.10 20.90 22.30
N GLY A 755 12.62 19.98 23.09
CA GLY A 755 13.46 20.48 24.19
C GLY A 755 12.65 20.52 25.47
N SER A 756 13.26 20.07 26.56
CA SER A 756 12.58 19.95 27.88
C SER A 756 12.12 21.29 28.44
N SER A 757 12.70 22.39 27.99
CA SER A 757 12.33 23.67 28.61
C SER A 757 11.34 24.44 27.75
N ALA A 758 10.96 23.88 26.61
CA ALA A 758 10.01 24.64 25.77
C ALA A 758 8.60 24.09 25.92
N VAL A 759 8.41 23.01 26.68
CA VAL A 759 7.03 22.45 26.76
C VAL A 759 6.53 22.48 28.19
N PRO A 760 5.56 23.37 28.50
CA PRO A 760 5.04 23.53 29.84
C PRO A 760 3.95 22.49 30.14
N GLN A 761 3.55 22.37 31.40
CA GLN A 761 2.45 21.43 31.70
C GLN A 761 1.18 21.95 31.03
N PRO A 762 0.34 21.08 30.44
CA PRO A 762 -0.87 21.53 29.78
C PRO A 762 -1.91 21.98 30.81
N LYS A 763 -2.60 23.07 30.54
CA LYS A 763 -3.60 23.59 31.49
C LYS A 763 -4.75 22.60 31.67
N GLU A 764 -5.25 22.05 30.56
CA GLU A 764 -6.39 21.10 30.63
C GLU A 764 -6.15 19.96 29.64
N THR A 765 -6.54 18.74 30.03
CA THR A 765 -6.33 17.56 29.17
C THR A 765 -7.54 16.62 29.23
N VAL A 766 -7.84 15.99 28.09
CA VAL A 766 -8.95 14.99 27.91
C VAL A 766 -8.38 13.84 27.09
N VAL A 767 -8.89 12.62 27.27
CA VAL A 767 -8.43 11.47 26.46
C VAL A 767 -9.63 10.60 26.13
N SER A 768 -9.79 10.18 24.87
CA SER A 768 -10.94 9.37 24.40
C SER A 768 -10.82 7.94 24.86
N ARG A 769 -11.94 7.29 25.13
CA ARG A 769 -11.90 5.84 25.41
C ARG A 769 -13.11 5.27 24.69
N TRP A 770 -13.10 5.44 23.37
CA TRP A 770 -14.21 5.07 22.48
C TRP A 770 -14.61 3.62 22.64
N ARG A 771 -13.69 2.67 22.63
CA ARG A 771 -14.20 1.31 22.78
C ARG A 771 -14.84 1.11 24.16
N ALA A 772 -14.38 1.86 25.14
CA ALA A 772 -14.94 1.68 26.48
C ALA A 772 -16.33 2.28 26.54
N ASP A 773 -16.56 3.33 25.77
CA ASP A 773 -17.87 4.01 25.80
C ASP A 773 -18.92 2.99 25.44
N PRO A 774 -20.03 2.91 26.17
CA PRO A 774 -21.03 1.91 25.92
C PRO A 774 -22.05 2.35 24.88
N TRP A 775 -22.01 3.61 24.47
CA TRP A 775 -22.95 4.12 23.45
C TRP A 775 -22.26 4.13 22.10
N ALA A 776 -21.09 3.52 22.02
CA ALA A 776 -20.35 3.42 20.76
C ALA A 776 -19.80 2.03 20.66
N ARG A 777 -18.97 1.67 21.63
CA ARG A 777 -18.23 0.40 21.72
C ARG A 777 -17.30 0.29 20.53
N GLY A 778 -16.77 1.42 20.07
CA GLY A 778 -15.85 1.47 18.93
C GLY A 778 -15.80 2.86 18.33
N SER A 779 -15.09 3.04 17.23
CA SER A 779 -15.03 4.38 16.59
C SER A 779 -15.75 4.28 15.26
N TYR A 780 -15.22 3.53 14.32
CA TYR A 780 -16.00 3.38 13.08
C TYR A 780 -15.78 2.01 12.48
N SER A 781 -16.55 1.67 11.48
CA SER A 781 -16.49 0.32 10.91
C SER A 781 -15.36 0.24 9.91
N TYR A 782 -14.83 -0.94 9.73
CA TYR A 782 -13.83 -1.22 8.73
C TYR A 782 -14.26 -2.46 7.99
N VAL A 783 -13.57 -2.77 6.89
CA VAL A 783 -13.97 -3.89 6.05
C VAL A 783 -13.09 -5.04 6.54
N ALA A 784 -13.59 -5.77 7.54
CA ALA A 784 -12.80 -6.83 8.11
C ALA A 784 -12.57 -7.92 7.08
N ALA A 785 -11.50 -8.69 7.29
CA ALA A 785 -11.28 -9.87 6.46
C ALA A 785 -12.44 -10.83 6.60
N GLY A 786 -12.86 -11.42 5.48
CA GLY A 786 -14.08 -12.20 5.44
C GLY A 786 -15.35 -11.39 5.26
N SER A 787 -15.29 -10.08 5.47
CA SER A 787 -16.40 -9.18 5.16
C SER A 787 -16.22 -8.73 3.72
N SER A 788 -17.17 -7.95 3.25
CA SER A 788 -17.12 -7.36 1.92
C SER A 788 -18.00 -6.13 1.96
N GLY A 789 -18.21 -5.51 0.80
CA GLY A 789 -19.08 -4.36 0.78
C GLY A 789 -20.53 -4.77 0.86
N ASN A 790 -20.86 -5.93 0.29
CA ASN A 790 -22.17 -6.57 0.41
C ASN A 790 -22.73 -6.52 1.83
N ASP A 791 -21.88 -6.74 2.83
CA ASP A 791 -22.34 -6.71 4.22
C ASP A 791 -22.88 -5.35 4.62
N TYR A 792 -22.25 -4.28 4.16
CA TYR A 792 -22.80 -2.94 4.38
C TYR A 792 -24.19 -2.82 3.74
N ASP A 793 -24.46 -3.61 2.71
CA ASP A 793 -25.77 -3.48 2.12
C ASP A 793 -26.78 -4.35 2.83
N LEU A 794 -26.36 -5.52 3.26
CA LEU A 794 -27.10 -6.28 4.26
C LEU A 794 -27.49 -5.39 5.42
N MET A 795 -26.53 -4.66 6.00
CA MET A 795 -26.84 -3.84 7.16
C MET A 795 -27.94 -2.83 6.90
N ALA A 796 -28.26 -2.53 5.64
CA ALA A 796 -29.27 -1.51 5.40
C ALA A 796 -30.65 -2.08 5.09
N GLN A 797 -30.74 -3.35 4.64
CA GLN A 797 -32.03 -3.93 4.24
C GLN A 797 -32.95 -3.90 5.46
N PRO A 798 -34.16 -3.33 5.34
CA PRO A 798 -35.07 -3.26 6.48
C PRO A 798 -35.73 -4.59 6.79
N ILE A 799 -36.18 -4.71 8.04
CA ILE A 799 -36.82 -5.97 8.50
C ILE A 799 -38.34 -5.84 8.46
N THR A 800 -38.99 -6.87 7.95
CA THR A 800 -40.47 -6.94 7.86
C THR A 800 -40.91 -8.10 8.73
N PRO A 801 -41.74 -7.89 9.74
CA PRO A 801 -42.13 -8.94 10.64
C PRO A 801 -43.12 -9.92 10.04
N GLY A 802 -43.27 -11.09 10.67
CA GLY A 802 -44.21 -12.11 10.21
C GLY A 802 -45.64 -11.70 10.47
N PRO A 803 -46.64 -12.25 9.76
CA PRO A 803 -48.00 -11.85 9.97
C PRO A 803 -48.45 -12.25 11.38
N SER A 804 -49.21 -11.39 12.03
CA SER A 804 -49.73 -11.65 13.39
C SER A 804 -50.68 -12.84 13.33
N ILE A 805 -51.57 -12.84 12.34
CA ILE A 805 -52.56 -13.94 12.19
C ILE A 805 -52.08 -14.79 11.04
N PRO A 806 -51.89 -16.11 11.17
CA PRO A 806 -51.40 -16.90 10.06
C PRO A 806 -52.40 -16.83 8.90
N GLY A 807 -51.87 -16.69 7.70
CA GLY A 807 -52.70 -16.57 6.49
C GLY A 807 -53.01 -15.12 6.18
N ALA A 808 -52.54 -14.20 7.01
CA ALA A 808 -52.80 -12.78 6.69
C ALA A 808 -51.80 -12.35 5.62
N PRO A 809 -52.05 -11.26 4.89
CA PRO A 809 -51.18 -10.86 3.82
C PRO A 809 -49.84 -10.35 4.34
N GLN A 810 -48.85 -10.36 3.47
CA GLN A 810 -47.47 -9.90 3.80
C GLN A 810 -47.51 -8.50 4.38
N PRO A 811 -46.93 -8.30 5.57
CA PRO A 811 -46.91 -7.02 6.21
C PRO A 811 -45.86 -6.08 5.63
N ILE A 812 -45.92 -4.83 6.06
CA ILE A 812 -44.99 -3.74 5.68
C ILE A 812 -43.69 -3.93 6.45
N PRO A 813 -42.56 -3.37 6.03
CA PRO A 813 -41.33 -3.46 6.78
C PRO A 813 -41.48 -2.49 7.95
N ARG A 814 -40.94 -2.82 9.12
CA ARG A 814 -41.15 -1.89 10.26
C ARG A 814 -39.84 -1.44 10.88
N LEU A 815 -38.78 -2.22 10.74
CA LEU A 815 -37.46 -1.88 11.32
C LEU A 815 -36.55 -1.43 10.20
N PHE A 816 -35.96 -0.25 10.34
CA PHE A 816 -35.08 0.38 9.35
C PHE A 816 -33.71 0.69 9.94
N PHE A 817 -32.66 0.64 9.11
CA PHE A 817 -31.31 0.85 9.64
C PHE A 817 -30.58 1.95 8.89
N ALA A 818 -29.95 2.84 9.64
CA ALA A 818 -29.07 3.84 9.07
C ALA A 818 -27.88 3.97 10.01
N GLY A 819 -26.99 4.90 9.71
CA GLY A 819 -25.72 4.86 10.39
C GLY A 819 -24.57 4.54 9.44
N GLU A 820 -23.35 4.95 9.85
CA GLU A 820 -22.20 4.88 8.97
C GLU A 820 -21.90 3.46 8.53
N HIS A 821 -22.25 2.47 9.32
CA HIS A 821 -22.02 1.11 8.90
C HIS A 821 -22.99 0.61 7.85
N THR A 822 -23.94 1.44 7.39
CA THR A 822 -25.00 0.97 6.50
C THR A 822 -24.89 1.51 5.09
N ILE A 823 -23.80 2.16 4.74
CA ILE A 823 -23.72 2.89 3.48
C ILE A 823 -22.45 2.40 2.78
N ARG A 824 -22.58 1.34 2.00
CA ARG A 824 -21.47 0.63 1.32
C ARG A 824 -20.45 1.59 0.69
N ASN A 825 -20.92 2.54 -0.06
CA ASN A 825 -20.03 3.49 -0.78
C ASN A 825 -19.30 4.45 0.12
N TYR A 826 -19.89 4.92 1.21
CA TYR A 826 -19.16 5.95 1.98
C TYR A 826 -19.14 5.62 3.46
N PRO A 827 -18.62 4.47 3.90
CA PRO A 827 -18.62 4.12 5.28
C PRO A 827 -17.67 4.89 6.19
N ALA A 828 -17.82 4.67 7.46
CA ALA A 828 -17.01 5.30 8.52
C ALA A 828 -16.78 6.79 8.31
N THR A 829 -17.79 7.55 7.95
CA THR A 829 -17.53 9.00 7.75
C THR A 829 -18.75 9.79 8.19
N VAL A 830 -18.59 11.04 8.55
CA VAL A 830 -19.83 11.78 8.93
C VAL A 830 -20.73 11.90 7.73
N HIS A 831 -20.22 12.18 6.56
CA HIS A 831 -21.09 12.32 5.38
C HIS A 831 -21.80 11.01 5.11
N GLY A 832 -21.11 9.89 5.24
CA GLY A 832 -21.77 8.61 5.02
C GLY A 832 -22.90 8.41 6.00
N ALA A 833 -22.73 8.80 7.25
CA ALA A 833 -23.83 8.64 8.19
C ALA A 833 -25.00 9.47 7.70
N LEU A 834 -24.71 10.70 7.37
CA LEU A 834 -25.74 11.65 6.92
C LEU A 834 -26.46 11.08 5.73
N LEU A 835 -25.75 10.67 4.69
CA LEU A 835 -26.45 10.19 3.52
C LEU A 835 -27.34 9.01 3.85
N SER A 836 -26.90 8.13 4.75
CA SER A 836 -27.75 6.99 5.10
C SER A 836 -29.03 7.48 5.76
N GLY A 837 -28.92 8.46 6.65
CA GLY A 837 -30.10 9.05 7.25
C GLY A 837 -31.05 9.65 6.24
N LEU A 838 -30.52 10.42 5.28
CA LEU A 838 -31.37 10.95 4.20
C LEU A 838 -32.03 9.81 3.45
N ARG A 839 -31.27 8.73 3.23
CA ARG A 839 -31.74 7.60 2.46
C ARG A 839 -32.93 6.93 3.15
N GLU A 840 -32.77 6.55 4.42
CA GLU A 840 -33.86 5.86 5.09
C GLU A 840 -35.08 6.75 5.19
N ALA A 841 -34.90 8.03 5.54
CA ALA A 841 -36.04 8.93 5.55
C ALA A 841 -36.74 8.95 4.21
N GLY A 842 -35.99 8.82 3.12
CA GLY A 842 -36.66 8.67 1.84
C GLY A 842 -37.41 7.35 1.74
N ARG A 843 -36.81 6.29 2.28
CA ARG A 843 -37.40 4.95 2.17
C ARG A 843 -38.65 4.84 3.02
N ILE A 844 -38.52 5.18 4.30
CA ILE A 844 -39.66 5.22 5.23
C ILE A 844 -40.81 6.02 4.63
N ALA A 845 -40.52 7.21 4.10
CA ALA A 845 -41.61 8.07 3.67
C ALA A 845 -42.35 7.49 2.46
N ASP A 846 -41.61 6.94 1.53
CA ASP A 846 -42.27 6.31 0.37
C ASP A 846 -43.12 5.17 0.90
N GLN A 847 -42.63 4.52 1.93
CA GLN A 847 -43.38 3.37 2.45
C GLN A 847 -44.67 3.80 3.13
N PHE A 848 -44.66 4.88 3.91
CA PHE A 848 -45.86 5.23 4.70
C PHE A 848 -46.61 6.43 4.14
N LEU A 849 -45.97 7.28 3.38
CA LEU A 849 -46.75 8.40 2.82
C LEU A 849 -47.13 8.07 1.39
N GLY A 850 -46.48 7.08 0.80
CA GLY A 850 -46.75 6.66 -0.58
C GLY A 850 -45.90 7.41 -1.58
N ALA A 851 -45.51 6.75 -2.65
CA ALA A 851 -44.69 7.49 -3.63
C ALA A 851 -45.62 7.80 -4.80
N MET A 852 -45.95 9.06 -5.00
CA MET A 852 -46.91 9.41 -6.07
C MET A 852 -46.18 9.77 -7.35
N TYR A 853 -44.85 9.68 -7.32
CA TYR A 853 -43.99 10.09 -8.45
C TYR A 853 -43.58 8.91 -9.32
N THR A 854 -44.39 7.86 -9.40
CA THR A 854 -44.01 6.71 -10.25
C THR A 854 -45.01 6.50 -11.39
N LEU A 855 -45.79 7.52 -11.73
CA LEU A 855 -46.81 7.42 -12.82
C LEU A 855 -46.14 7.54 -14.19
N ARG B 12 -1.16 -5.57 -14.08
CA ARG B 12 -0.68 -6.67 -14.96
C ARG B 12 0.71 -7.09 -14.51
N LYS B 13 1.55 -6.12 -14.17
CA LYS B 13 2.92 -6.47 -13.71
C LYS B 13 3.13 -5.83 -12.35
N PRO B 14 3.99 -6.37 -11.47
CA PRO B 14 4.20 -5.80 -10.16
C PRO B 14 4.98 -4.50 -10.31
N PRO B 15 4.89 -3.59 -9.34
CA PRO B 15 5.54 -2.31 -9.40
C PRO B 15 7.04 -2.53 -9.57
N LYS B 16 7.63 -1.84 -10.53
CA LYS B 16 9.07 -2.00 -10.86
C LYS B 16 9.91 -1.91 -9.58
N GLY B 17 10.75 -2.93 -9.38
CA GLY B 17 11.65 -3.01 -8.22
C GLY B 17 10.99 -3.75 -7.07
N MET B 18 9.87 -4.40 -7.34
CA MET B 18 9.23 -5.23 -6.32
C MET B 18 9.18 -6.60 -6.94
N PHE B 19 9.84 -7.57 -6.34
CA PHE B 19 9.83 -8.89 -6.98
C PHE B 19 8.96 -9.79 -6.12
N LEU B 20 8.11 -10.58 -6.78
CA LEU B 20 7.22 -11.56 -6.12
C LEU B 20 6.64 -12.43 -7.22
N SER B 21 7.07 -13.67 -7.29
CA SER B 21 6.54 -14.56 -8.34
C SER B 21 5.54 -15.52 -7.73
N GLN B 22 4.72 -16.12 -8.59
CA GLN B 22 3.75 -17.11 -8.07
C GLN B 22 4.55 -18.19 -7.38
N GLU B 23 5.65 -18.62 -8.01
CA GLU B 23 6.48 -19.67 -7.43
C GLU B 23 6.86 -19.35 -5.98
N ASP B 24 7.40 -18.15 -5.75
CA ASP B 24 8.04 -17.87 -4.47
C ASP B 24 7.02 -17.81 -3.35
N VAL B 25 5.96 -17.04 -3.56
CA VAL B 25 4.97 -16.70 -2.54
C VAL B 25 4.48 -17.95 -1.82
N GLU B 26 4.25 -19.02 -2.59
CA GLU B 26 3.78 -20.27 -2.04
C GLU B 26 4.79 -20.86 -1.06
N ALA B 27 6.07 -20.81 -1.45
CA ALA B 27 7.16 -21.33 -0.62
C ALA B 27 7.32 -20.56 0.68
N VAL B 28 6.86 -19.32 0.73
CA VAL B 28 7.01 -18.48 1.91
C VAL B 28 5.76 -18.49 2.77
N SER B 29 4.77 -19.22 2.25
CA SER B 29 3.41 -19.30 2.83
C SER B 29 3.06 -20.73 3.21
N ALA B 30 3.81 -21.70 2.72
CA ALA B 30 3.43 -23.12 2.98
C ALA B 30 3.38 -23.45 4.46
N ASN B 31 4.26 -22.90 5.28
CA ASN B 31 4.20 -23.25 6.73
C ASN B 31 4.34 -21.98 7.57
N ALA B 32 4.05 -22.06 8.85
CA ALA B 32 4.07 -20.85 9.70
C ALA B 32 5.46 -20.23 9.75
N THR B 33 6.50 -21.04 9.86
CA THR B 33 7.90 -20.58 9.93
C THR B 33 8.60 -20.74 8.59
N ALA B 34 7.86 -21.06 7.53
CA ALA B 34 8.53 -21.30 6.23
C ALA B 34 9.31 -20.06 5.79
N ALA B 35 8.74 -18.87 5.96
CA ALA B 35 9.44 -17.65 5.52
C ALA B 35 10.78 -17.56 6.22
N THR B 36 10.82 -17.77 7.52
CA THR B 36 12.14 -17.70 8.18
C THR B 36 13.00 -18.84 7.68
N THR B 37 12.42 -20.02 7.52
CA THR B 37 13.22 -21.18 7.11
C THR B 37 13.90 -20.90 5.78
N VAL B 38 13.19 -20.39 4.79
CA VAL B 38 13.91 -20.22 3.49
C VAL B 38 14.95 -19.13 3.66
N LEU B 39 14.56 -18.03 4.26
CA LEU B 39 15.52 -16.94 4.42
C LEU B 39 16.76 -17.37 5.20
N ARG B 40 16.61 -18.26 6.18
CA ARG B 40 17.78 -18.70 6.93
C ARG B 40 18.65 -19.65 6.13
N GLN B 41 18.10 -20.29 5.09
CA GLN B 41 18.90 -21.06 4.12
C GLN B 41 19.82 -20.15 3.33
N LEU B 42 19.23 -19.22 2.60
CA LEU B 42 20.00 -18.25 1.83
C LEU B 42 21.02 -17.55 2.72
N ASP B 43 20.64 -17.19 3.95
CA ASP B 43 21.62 -16.59 4.86
C ASP B 43 22.79 -17.53 5.09
N MET B 44 22.49 -18.78 5.40
CA MET B 44 23.57 -19.75 5.66
C MET B 44 24.25 -20.03 4.34
N GLU B 45 23.49 -20.17 3.27
CA GLU B 45 24.15 -20.46 1.97
C GLU B 45 25.07 -19.31 1.59
N LEU B 46 24.67 -18.07 1.81
CA LEU B 46 25.56 -16.97 1.42
C LEU B 46 26.87 -17.06 2.20
N VAL B 47 26.85 -17.38 3.48
CA VAL B 47 28.17 -17.44 4.17
C VAL B 47 29.01 -18.57 3.59
N SER B 48 28.40 -19.70 3.24
CA SER B 48 29.21 -20.79 2.69
C SER B 48 29.88 -20.30 1.41
N VAL B 49 29.15 -19.65 0.53
CA VAL B 49 29.87 -19.19 -0.68
C VAL B 49 30.84 -18.10 -0.28
N LYS B 50 30.60 -17.42 0.83
CA LYS B 50 31.55 -16.34 1.13
C LYS B 50 32.85 -16.98 1.59
N ARG B 51 32.75 -17.98 2.45
CA ARG B 51 33.98 -18.64 2.94
C ARG B 51 34.73 -19.27 1.78
N GLN B 52 34.04 -19.86 0.81
CA GLN B 52 34.73 -20.43 -0.37
C GLN B 52 35.57 -19.35 -1.04
N ILE B 53 35.01 -18.15 -1.22
CA ILE B 53 35.77 -17.04 -1.85
C ILE B 53 37.09 -16.83 -1.13
N GLN B 54 37.10 -16.73 0.19
CA GLN B 54 38.38 -16.60 0.90
C GLN B 54 39.35 -17.70 0.49
N ASN B 55 38.84 -18.91 0.26
CA ASN B 55 39.71 -20.05 0.00
C ASN B 55 40.45 -19.87 -1.32
N ILE B 56 39.72 -19.54 -2.39
CA ILE B 56 40.35 -19.31 -3.67
C ILE B 56 41.22 -18.04 -3.65
N LYS B 57 40.90 -17.08 -2.80
CA LYS B 57 41.80 -15.94 -2.62
C LYS B 57 43.12 -16.40 -2.01
N GLN B 58 43.04 -17.24 -0.97
CA GLN B 58 44.24 -17.78 -0.31
C GLN B 58 45.01 -18.68 -1.26
N THR B 59 44.32 -19.62 -1.92
CA THR B 59 44.93 -20.47 -2.93
C THR B 59 45.64 -19.66 -4.01
N ASN B 60 44.97 -18.65 -4.56
CA ASN B 60 45.57 -17.92 -5.66
C ASN B 60 46.56 -16.86 -5.22
N SER B 61 46.53 -16.44 -3.95
CA SER B 61 47.62 -15.63 -3.45
C SER B 61 48.91 -16.45 -3.39
N ALA B 62 48.78 -17.75 -3.10
CA ALA B 62 49.94 -18.64 -3.13
C ALA B 62 50.46 -18.81 -4.56
N LEU B 63 49.58 -19.20 -5.48
CA LEU B 63 49.96 -19.37 -6.87
C LEU B 63 50.54 -18.09 -7.49
N LYS B 64 50.36 -16.94 -6.85
CA LYS B 64 50.97 -15.74 -7.39
C LYS B 64 52.40 -15.55 -6.92
N GLU B 65 52.75 -16.03 -5.71
CA GLU B 65 54.14 -16.01 -5.28
C GLU B 65 55.03 -16.86 -6.18
N LYS B 66 54.56 -18.05 -6.57
CA LYS B 66 55.37 -18.91 -7.41
C LYS B 66 55.72 -18.24 -8.73
N LEU B 67 54.95 -17.22 -9.14
CA LEU B 67 55.22 -16.49 -10.37
C LEU B 67 55.99 -15.19 -10.14
N ASP B 68 56.69 -15.04 -9.02
CA ASP B 68 57.53 -13.86 -8.86
C ASP B 68 58.55 -13.80 -9.99
N GLY B 69 58.98 -12.58 -10.32
CA GLY B 69 60.01 -12.41 -11.34
C GLY B 69 59.58 -12.76 -12.75
N GLY B 70 58.34 -13.24 -12.87
CA GLY B 70 57.80 -13.63 -14.17
C GLY B 70 58.74 -14.59 -14.85
N ILE B 71 59.09 -14.30 -16.10
CA ILE B 71 60.05 -15.16 -16.84
C ILE B 71 61.09 -14.24 -17.46
N GLU B 72 61.27 -13.06 -16.91
CA GLU B 72 62.22 -12.08 -17.48
C GLU B 72 63.60 -12.72 -17.61
N PRO B 73 64.13 -13.38 -16.57
CA PRO B 73 65.44 -13.99 -16.66
C PRO B 73 65.49 -15.17 -17.64
N TYR B 74 64.35 -15.82 -17.89
CA TYR B 74 64.36 -16.98 -18.82
C TYR B 74 64.07 -16.52 -20.24
N ARG B 75 63.87 -15.23 -20.45
CA ARG B 75 63.53 -14.79 -21.82
C ARG B 75 64.75 -14.76 -22.72
N LEU B 76 64.51 -14.76 -24.03
CA LEU B 76 65.61 -14.82 -24.99
C LEU B 76 65.52 -13.63 -25.94
N PRO B 77 66.65 -12.99 -26.31
CA PRO B 77 66.62 -11.86 -27.21
C PRO B 77 66.23 -12.30 -28.63
N GLU B 78 65.65 -11.36 -29.39
CA GLU B 78 65.14 -11.62 -30.76
C GLU B 78 66.21 -11.26 -31.79
N VAL B 79 66.24 -11.94 -32.93
CA VAL B 79 67.26 -11.59 -33.95
C VAL B 79 66.55 -11.27 -35.26
N ILE B 80 66.92 -10.17 -35.90
CA ILE B 80 66.35 -9.79 -37.22
C ILE B 80 66.90 -10.78 -38.23
N GLN B 81 66.14 -11.10 -39.27
CA GLN B 81 66.66 -12.18 -40.15
C GLN B 81 66.05 -12.13 -41.56
N LYS B 82 66.77 -11.54 -42.51
CA LYS B 82 66.26 -11.35 -43.89
C LYS B 82 66.14 -12.69 -44.62
N CYS B 83 64.93 -13.03 -45.04
CA CYS B 83 64.62 -14.30 -45.72
C CYS B 83 65.38 -14.47 -47.04
N ASN B 84 66.55 -15.10 -47.00
CA ASN B 84 67.36 -15.46 -48.19
C ASN B 84 66.69 -16.66 -48.86
N ALA B 85 66.74 -16.77 -50.17
CA ALA B 85 66.05 -17.92 -50.81
C ALA B 85 67.04 -19.02 -51.20
N ARG B 86 68.33 -18.82 -50.92
CA ARG B 86 69.30 -19.89 -51.29
C ARG B 86 69.34 -20.94 -50.18
N TRP B 87 69.47 -22.19 -50.57
CA TRP B 87 69.53 -23.26 -49.55
C TRP B 87 70.95 -23.74 -49.35
N THR B 88 71.66 -23.23 -48.34
CA THR B 88 73.01 -23.69 -48.06
C THR B 88 72.95 -25.14 -47.57
N THR B 89 74.03 -25.89 -47.84
CA THR B 89 74.00 -27.31 -47.53
C THR B 89 73.72 -27.51 -46.04
N GLU B 90 74.11 -26.55 -45.19
CA GLU B 90 73.82 -26.74 -43.77
C GLU B 90 72.34 -26.63 -43.51
N GLU B 91 71.71 -25.62 -44.09
CA GLU B 91 70.34 -25.31 -43.70
C GLU B 91 69.37 -26.21 -44.42
N GLN B 92 69.84 -26.96 -45.42
CA GLN B 92 69.11 -28.15 -45.81
C GLN B 92 69.10 -29.16 -44.67
N LEU B 93 70.22 -29.32 -43.98
CA LEU B 93 70.28 -30.36 -42.95
C LEU B 93 69.52 -29.93 -41.71
N LEU B 94 69.43 -28.63 -41.48
CA LEU B 94 68.60 -28.23 -40.33
C LEU B 94 67.17 -28.61 -40.67
N ALA B 95 66.79 -28.43 -41.92
CA ALA B 95 65.40 -28.70 -42.32
C ALA B 95 65.04 -30.15 -42.09
N VAL B 96 65.88 -31.08 -42.52
CA VAL B 96 65.53 -32.51 -42.37
C VAL B 96 65.38 -32.84 -40.90
N GLN B 97 66.27 -32.35 -40.07
CA GLN B 97 66.16 -32.64 -38.63
C GLN B 97 64.88 -32.01 -38.11
N ALA B 98 64.56 -30.80 -38.55
CA ALA B 98 63.35 -30.12 -38.07
C ALA B 98 62.12 -30.96 -38.44
N ILE B 99 62.10 -31.39 -39.68
CA ILE B 99 60.97 -32.20 -40.19
C ILE B 99 60.80 -33.37 -39.25
N ARG B 100 61.88 -34.07 -38.94
CA ARG B 100 61.76 -35.22 -38.04
C ARG B 100 61.28 -34.75 -36.67
N LYS B 101 61.80 -33.64 -36.18
CA LYS B 101 61.38 -33.12 -34.87
C LYS B 101 59.93 -32.63 -34.89
N TYR B 102 59.48 -31.97 -35.96
CA TYR B 102 58.13 -31.38 -35.89
C TYR B 102 57.10 -31.97 -36.84
N GLY B 103 57.52 -32.52 -37.96
CA GLY B 103 56.54 -33.07 -38.89
C GLY B 103 56.07 -32.05 -39.91
N ARG B 104 54.95 -31.38 -39.67
CA ARG B 104 54.41 -30.42 -40.64
C ARG B 104 54.08 -29.10 -39.97
N ASP B 105 54.79 -28.73 -38.91
CA ASP B 105 54.62 -27.38 -38.38
C ASP B 105 55.55 -26.46 -39.18
N PHE B 106 55.15 -26.25 -40.43
CA PHE B 106 55.90 -25.46 -41.41
C PHE B 106 56.43 -24.19 -40.78
N GLN B 107 55.71 -23.69 -39.78
CA GLN B 107 56.05 -22.43 -39.16
C GLN B 107 57.22 -22.60 -38.18
N ALA B 108 57.11 -23.58 -37.27
CA ALA B 108 58.22 -23.88 -36.37
C ALA B 108 59.46 -24.26 -37.17
N ILE B 109 59.30 -25.01 -38.25
CA ILE B 109 60.44 -25.32 -39.10
C ILE B 109 61.06 -24.04 -39.65
N SER B 110 60.25 -23.15 -40.21
CA SER B 110 60.77 -21.85 -40.63
C SER B 110 61.50 -21.11 -39.51
N ASP B 111 61.01 -21.26 -38.27
CA ASP B 111 61.65 -20.59 -37.13
C ASP B 111 63.04 -21.17 -36.85
N VAL B 112 63.15 -22.46 -37.05
CA VAL B 112 64.43 -23.14 -36.74
C VAL B 112 65.48 -22.65 -37.72
N ILE B 113 65.22 -22.74 -39.02
CA ILE B 113 66.26 -22.30 -39.99
C ILE B 113 66.52 -20.83 -39.75
N GLY B 114 65.47 -20.03 -39.62
CA GLY B 114 65.57 -18.61 -39.27
C GLY B 114 65.80 -17.69 -40.44
N ASN B 115 66.07 -18.23 -41.61
CA ASN B 115 66.27 -17.40 -42.81
C ASN B 115 65.45 -18.01 -43.92
N LYS B 116 64.35 -18.65 -43.58
CA LYS B 116 63.51 -19.21 -44.65
C LYS B 116 62.05 -19.08 -44.21
N SER B 117 61.17 -18.69 -45.12
CA SER B 117 59.75 -18.51 -44.77
C SER B 117 58.94 -19.71 -45.21
N VAL B 118 57.79 -19.91 -44.58
CA VAL B 118 56.87 -21.07 -44.78
C VAL B 118 56.72 -21.51 -46.24
N VAL B 119 56.55 -20.59 -47.17
CA VAL B 119 56.40 -21.03 -48.57
C VAL B 119 57.65 -21.80 -49.00
N GLN B 120 58.82 -21.17 -48.96
CA GLN B 120 60.03 -21.90 -49.42
C GLN B 120 60.15 -23.12 -48.54
N VAL B 121 59.90 -22.92 -47.24
CA VAL B 121 59.79 -24.08 -46.38
C VAL B 121 58.81 -25.09 -46.97
N LYS B 122 57.62 -24.61 -47.38
CA LYS B 122 56.55 -25.53 -47.76
C LYS B 122 56.90 -26.29 -49.04
N ASN B 123 57.35 -25.58 -50.08
CA ASN B 123 57.63 -26.33 -51.30
C ASN B 123 58.97 -27.06 -51.23
N PHE B 124 59.86 -26.67 -50.31
CA PHE B 124 61.06 -27.47 -50.06
C PHE B 124 60.70 -28.94 -49.89
N PHE B 125 59.56 -29.18 -49.26
CA PHE B 125 59.17 -30.60 -49.05
C PHE B 125 58.97 -31.25 -50.40
N VAL B 126 58.70 -30.44 -51.42
CA VAL B 126 58.41 -31.06 -52.72
C VAL B 126 59.66 -31.09 -53.58
N ASN B 127 60.46 -30.03 -53.55
CA ASN B 127 61.64 -30.07 -54.43
C ASN B 127 62.56 -31.21 -54.00
N TYR B 128 62.78 -31.35 -52.69
CA TYR B 128 63.74 -32.39 -52.26
C TYR B 128 63.04 -33.64 -51.74
N ARG B 129 61.76 -33.83 -52.04
CA ARG B 129 61.00 -34.99 -51.52
C ARG B 129 61.73 -36.30 -51.83
N ARG B 130 62.15 -36.45 -53.07
CA ARG B 130 62.84 -37.70 -53.45
C ARG B 130 64.18 -37.75 -52.73
N ARG B 131 65.04 -36.81 -53.10
CA ARG B 131 66.43 -36.73 -52.60
C ARG B 131 66.51 -36.86 -51.09
N PHE B 132 65.55 -36.34 -50.33
CA PHE B 132 65.73 -36.50 -48.88
C PHE B 132 64.84 -37.55 -48.23
N ASN B 133 64.10 -38.38 -48.98
CA ASN B 133 63.21 -39.40 -48.38
C ASN B 133 62.28 -38.76 -47.35
N ILE B 134 61.66 -37.63 -47.70
CA ILE B 134 60.84 -36.89 -46.72
C ILE B 134 59.70 -37.76 -46.21
N ASP B 135 59.08 -38.53 -47.08
CA ASP B 135 57.96 -39.39 -46.63
C ASP B 135 58.47 -40.32 -45.54
N GLU B 136 59.63 -40.94 -45.78
CA GLU B 136 60.21 -41.85 -44.76
C GLU B 136 60.46 -41.04 -43.49
N VAL B 137 60.95 -39.83 -43.63
CA VAL B 137 61.21 -39.03 -42.41
C VAL B 137 59.87 -38.79 -41.73
N LEU B 138 58.88 -38.37 -42.49
CA LEU B 138 57.58 -38.06 -41.86
C LEU B 138 57.00 -39.33 -41.26
N GLN B 139 57.11 -40.45 -41.98
CA GLN B 139 56.63 -41.76 -41.48
C GLN B 139 57.23 -41.99 -40.10
N GLU B 140 58.55 -41.85 -39.97
CA GLU B 140 59.19 -42.02 -38.64
C GLU B 140 58.60 -40.99 -37.68
N TRP B 141 58.37 -39.75 -38.10
CA TRP B 141 57.80 -38.72 -37.21
C TRP B 141 56.38 -39.06 -36.79
N GLU B 142 55.63 -39.78 -37.62
CA GLU B 142 54.26 -40.16 -37.20
C GLU B 142 54.36 -40.92 -35.90
N ALA B 143 55.17 -41.97 -35.86
CA ALA B 143 55.31 -42.81 -34.64
C ALA B 143 55.80 -42.01 -33.45
N GLU B 144 54.89 -41.35 -32.74
CA GLU B 144 55.20 -40.48 -31.58
C GLU B 144 53.88 -39.93 -31.06
C4 XB6 C . -14.73 9.48 13.09
C14 XB6 C . -12.46 7.85 6.72
C5 XB6 C . -13.53 10.17 13.21
C6 XB6 C . -12.82 10.12 14.39
C11 XB6 C . -12.02 9.24 10.21
C7 XB6 C . -13.30 9.44 15.47
C8 XB6 C . -12.53 9.41 16.75
C9 XB6 C . -11.68 10.91 11.98
C10 XB6 C . -11.11 10.32 10.73
C12 XB6 C . -12.00 9.11 8.71
C13 XB6 C . -12.48 7.97 8.09
N1 XB6 C . -13.03 10.82 12.16
N2 XB6 C . -15.97 10.87 10.02
C3 XB6 C . -15.23 8.79 14.18
N3 XB6 C . -14.53 12.56 9.35
C1 XB6 C . -15.07 8.01 16.54
C15 XB6 C . -11.98 8.85 5.91
C16 XB6 C . -11.95 8.70 4.44
C17 XB6 C . -12.09 7.45 3.86
C18 XB6 C . -12.06 7.30 2.49
C19 XB6 C . -11.87 8.40 1.68
C2 XB6 C . -14.54 8.75 15.35
C20 XB6 C . -11.72 9.63 2.24
C21 XB6 C . -11.74 9.78 3.61
C22 XB6 C . -11.51 9.99 6.53
C23 XB6 C . -11.52 10.12 7.91
C24 XB6 C . -13.94 11.24 11.16
C25 XB6 C . -15.10 10.54 11.00
C26 XB6 C . -15.70 11.90 9.17
C27 XB6 C . -13.63 12.25 10.33
C28 XB6 C . -16.71 8.80 11.75
C29 XB6 C . -17.94 9.49 12.21
C30 XB6 C . -19.10 8.52 12.34
C31 XB6 C . -20.44 9.21 12.50
C32 XB6 C . -21.48 8.33 13.16
C33 XB6 C . -25.16 7.11 17.54
C34 XB6 C . -26.17 7.57 18.54
C35 XB6 C . -26.82 6.58 20.46
C36 XB6 C . -26.22 4.24 21.17
C37 XB6 C . -27.96 3.70 22.25
C38 XB6 C . -28.98 3.11 22.99
C39 XB6 C . -30.14 5.08 22.71
C40 XB6 C . -28.17 4.97 21.80
C41 XB6 C . -25.43 7.15 20.71
C42 XB6 C . -25.58 8.30 19.75
N4 XB6 C . -15.42 9.52 11.88
N5 XB6 C . -27.06 5.31 21.10
N6 XB6 C . -26.72 3.25 21.85
N7 XB6 C . -28.92 1.90 23.50
N8 XB6 C . -30.08 3.84 23.21
N9 XB6 C . -29.25 5.72 22.00
O1 XB6 C . -10.98 11.45 12.80
O10 XB6 C . -24.68 8.07 14.32
O11 XB6 C . -22.95 9.13 15.44
O12 XB6 C . -23.50 6.57 15.57
O13 XB6 C . -24.75 8.24 16.81
O14 XB6 C . -26.82 6.41 19.08
O15 XB6 C . -25.30 7.58 22.04
O16 XB6 C . -26.50 9.19 20.34
O2 XB6 C . -16.48 12.21 8.29
O3 XB6 C . -12.61 12.90 10.43
O4 XB6 C . -17.68 9.97 13.46
O5 XB6 C . -19.16 7.80 11.17
O6 XB6 C . -20.19 10.36 13.28
O7 XB6 C . -22.83 8.77 12.92
O8 XB6 C . -23.47 6.35 13.05
O9 XB6 C . -25.04 8.01 12.00
P1 XB6 C . -23.98 7.71 12.98
P2 XB6 C . -23.83 7.98 15.59
#